data_6CKL
#
_entry.id   6CKL
#
_cell.length_a   128.480
_cell.length_b   151.010
_cell.length_c   84.900
_cell.angle_alpha   90.00
_cell.angle_beta   90.00
_cell.angle_gamma   90.00
#
_symmetry.space_group_name_H-M   'C 2 2 21'
#
loop_
_entity.id
_entity.type
_entity.pdbx_description
1 polymer 'N-acylneuraminate cytidylyltransferase'
2 non-polymer "CYTIDINE-5'-MONOPHOSPHATE"
3 non-polymer 'CHLORIDE ION'
4 non-polymer '2-DEOXY-2,3-DEHYDRO-N-ACETYL-NEURAMINIC ACID'
5 non-polymer 'CITRATE ANION'
6 water water
#
_entity_poly.entity_id   1
_entity_poly.type   'polypeptide(L)'
_entity_poly.pdbx_seq_one_letter_code
;MEKQNIAVILARQNSKGLPLKNLRKMNGISLLGHTINAAISSKCFDRIIVSTDGGLIAEEAKNFGVEVVLRPAELASDTA
SSISGVIHALETIGSNSGTVTLLQPTSPLRTGAHIREAFSLFDEKIKGSVVSACPMEHHPLKTLLQINNGEYAPMRHLSD
LEQPRQQLPQAFRPNGAIYINDTASLIANNCFFIAPTKLYIMSHQDSIDIDTELDLQQAENILNHKES
;
_entity_poly.pdbx_strand_id   A,B,C
#
loop_
_chem_comp.id
_chem_comp.type
_chem_comp.name
_chem_comp.formula
C5P non-polymer CYTIDINE-5'-MONOPHOSPHATE 'C9 H14 N3 O8 P'
CL non-polymer 'CHLORIDE ION' 'Cl -1'
DAN D-saccharide '2-DEOXY-2,3-DEHYDRO-N-ACETYL-NEURAMINIC ACID' 'C11 H17 N O8'
FLC non-polymer 'CITRATE ANION' 'C6 H5 O7 -3'
#
# COMPACT_ATOMS: atom_id res chain seq x y z
N MET A 1 1.69 3.39 -44.11
CA MET A 1 0.98 4.58 -43.54
C MET A 1 1.78 5.16 -42.34
N GLU A 2 1.48 6.42 -42.02
CA GLU A 2 2.20 7.15 -40.99
C GLU A 2 1.84 6.67 -39.54
N LYS A 3 2.78 6.83 -38.62
CA LYS A 3 2.54 6.49 -37.22
C LYS A 3 1.62 7.54 -36.57
N GLN A 4 0.60 7.06 -35.86
CA GLN A 4 -0.33 7.94 -35.13
C GLN A 4 -0.54 7.45 -33.70
N ASN A 5 -0.59 8.39 -32.77
CA ASN A 5 -0.92 8.08 -31.38
C ASN A 5 -2.41 8.28 -31.15
N ILE A 6 -3.13 7.17 -31.03
CA ILE A 6 -4.56 7.15 -30.86
C ILE A 6 -4.91 6.96 -29.39
N ALA A 7 -5.82 7.76 -28.89
CA ALA A 7 -6.53 7.44 -27.65
C ALA A 7 -7.89 6.87 -28.01
N VAL A 8 -8.19 5.69 -27.47
CA VAL A 8 -9.50 5.09 -27.59
C VAL A 8 -10.14 5.02 -26.21
N ILE A 9 -11.32 5.60 -26.12
CA ILE A 9 -12.08 5.64 -24.90
C ILE A 9 -13.28 4.77 -25.17
N LEU A 10 -13.34 3.56 -24.62
CA LEU A 10 -14.55 2.75 -24.71
C LEU A 10 -15.60 3.15 -23.67
N ALA A 11 -16.79 3.52 -24.14
CA ALA A 11 -17.85 4.06 -23.29
C ALA A 11 -19.21 3.58 -23.77
N ARG A 12 -19.55 2.36 -23.41
CA ARG A 12 -20.87 1.81 -23.71
C ARG A 12 -21.97 2.62 -23.00
N GLN A 13 -23.15 2.68 -23.60
CA GLN A 13 -24.25 3.49 -23.04
C GLN A 13 -25.04 2.73 -21.97
N ASN A 14 -25.35 1.47 -22.25
CA ASN A 14 -26.24 0.71 -21.40
C ASN A 14 -25.45 -0.06 -20.39
N SER A 15 -25.09 0.63 -19.33
CA SER A 15 -24.29 0.07 -18.27
C SER A 15 -25.26 -0.57 -17.28
N LYS A 16 -24.99 -1.80 -16.87
CA LYS A 16 -26.00 -2.63 -16.19
C LYS A 16 -25.87 -2.70 -14.67
N GLY A 17 -24.78 -2.19 -14.08
CA GLY A 17 -24.73 -1.81 -12.67
C GLY A 17 -25.47 -0.52 -12.41
N LEU A 18 -24.90 0.59 -12.87
CA LEU A 18 -25.34 1.94 -12.51
C LEU A 18 -25.84 2.53 -13.83
N PRO A 19 -27.12 2.95 -13.88
CA PRO A 19 -27.62 3.40 -15.20
C PRO A 19 -26.84 4.57 -15.78
N LEU A 20 -26.56 4.50 -17.09
CA LEU A 20 -25.82 5.54 -17.82
C LEU A 20 -24.55 5.99 -17.12
N LYS A 21 -23.78 5.01 -16.65
CA LYS A 21 -22.64 5.27 -15.79
C LYS A 21 -21.69 6.25 -16.43
N ASN A 22 -21.30 5.99 -17.67
CA ASN A 22 -20.32 6.83 -18.34
C ASN A 22 -20.72 8.30 -18.54
N LEU A 23 -22.01 8.61 -18.43
CA LEU A 23 -22.52 9.99 -18.49
C LEU A 23 -22.75 10.63 -17.12
N ARG A 24 -22.62 9.85 -16.05
CA ARG A 24 -22.82 10.39 -14.72
C ARG A 24 -21.88 11.53 -14.40
N LYS A 25 -22.46 12.61 -13.88
CA LYS A 25 -21.68 13.78 -13.52
C LYS A 25 -20.94 13.62 -12.20
N MET A 26 -19.74 14.19 -12.18
CA MET A 26 -18.89 14.23 -11.01
C MET A 26 -18.26 15.63 -11.05
N ASN A 27 -18.61 16.48 -10.08
CA ASN A 27 -18.30 17.91 -10.13
C ASN A 27 -18.64 18.54 -11.46
N GLY A 28 -19.88 18.33 -11.89
CA GLY A 28 -20.45 19.06 -13.00
C GLY A 28 -20.12 18.51 -14.38
N ILE A 29 -19.24 17.52 -14.48
CA ILE A 29 -18.75 17.00 -15.76
C ILE A 29 -18.90 15.51 -15.74
N SER A 30 -19.23 14.95 -16.88
CA SER A 30 -19.47 13.50 -17.01
C SER A 30 -18.18 12.71 -16.87
N LEU A 31 -18.30 11.47 -16.42
CA LEU A 31 -17.19 10.55 -16.45
C LEU A 31 -16.49 10.56 -17.81
N LEU A 32 -17.30 10.49 -18.86
CA LEU A 32 -16.76 10.61 -20.23
C LEU A 32 -15.95 11.87 -20.40
N GLY A 33 -16.52 13.01 -19.99
CA GLY A 33 -15.86 14.30 -20.10
C GLY A 33 -14.53 14.39 -19.37
N HIS A 34 -14.46 13.76 -18.21
CA HIS A 34 -13.24 13.79 -17.42
C HIS A 34 -12.12 13.09 -18.16
N THR A 35 -12.40 11.91 -18.70
CA THR A 35 -11.37 11.15 -19.42
C THR A 35 -10.99 11.84 -20.73
N ILE A 36 -11.97 12.42 -21.42
CA ILE A 36 -11.67 13.22 -22.63
C ILE A 36 -10.76 14.42 -22.34
N ASN A 37 -11.10 15.19 -21.29
CA ASN A 37 -10.28 16.33 -20.88
C ASN A 37 -8.86 15.87 -20.52
N ALA A 38 -8.75 14.70 -19.87
CA ALA A 38 -7.46 14.12 -19.56
C ALA A 38 -6.71 13.81 -20.85
N ALA A 39 -7.38 13.19 -21.82
CA ALA A 39 -6.71 12.89 -23.09
C ALA A 39 -6.26 14.16 -23.80
N ILE A 40 -7.18 15.11 -23.94
CA ILE A 40 -6.89 16.41 -24.60
C ILE A 40 -5.74 17.10 -23.87
N SER A 41 -5.87 17.26 -22.56
CA SER A 41 -4.88 18.04 -21.83
C SER A 41 -3.52 17.33 -21.78
N SER A 42 -3.47 16.01 -21.93
CA SER A 42 -2.20 15.29 -21.96
C SER A 42 -1.34 15.68 -23.13
N LYS A 43 -1.99 16.07 -24.23
CA LYS A 43 -1.28 16.45 -25.47
C LYS A 43 -0.44 15.29 -26.05
N CYS A 44 -0.75 14.05 -25.70
CA CYS A 44 -0.02 12.89 -26.23
C CYS A 44 -0.62 12.32 -27.48
N PHE A 45 -1.82 12.74 -27.86
CA PHE A 45 -2.57 12.05 -28.91
C PHE A 45 -2.79 12.88 -30.17
N ASP A 46 -2.64 12.22 -31.32
CA ASP A 46 -2.96 12.80 -32.61
C ASP A 46 -4.48 12.77 -32.83
N ARG A 47 -5.12 11.69 -32.37
CA ARG A 47 -6.58 11.51 -32.47
C ARG A 47 -7.14 10.91 -31.18
N ILE A 48 -8.34 11.34 -30.81
CA ILE A 48 -9.06 10.85 -29.66
C ILE A 48 -10.43 10.34 -30.15
N ILE A 49 -10.63 9.03 -30.02
CA ILE A 49 -11.85 8.36 -30.46
C ILE A 49 -12.60 7.92 -29.21
N VAL A 50 -13.89 8.22 -29.14
CA VAL A 50 -14.79 7.61 -28.18
C VAL A 50 -15.55 6.58 -28.97
N SER A 51 -15.56 5.35 -28.48
CA SER A 51 -16.26 4.24 -29.11
C SER A 51 -17.47 3.94 -28.25
N THR A 52 -18.65 3.98 -28.85
CA THR A 52 -19.89 3.71 -28.13
C THR A 52 -20.96 3.12 -29.02
N ASP A 53 -21.93 2.49 -28.40
CA ASP A 53 -23.13 2.00 -29.07
C ASP A 53 -24.27 3.00 -28.98
N GLY A 54 -24.08 4.09 -28.25
CA GLY A 54 -25.22 4.97 -27.88
C GLY A 54 -25.08 6.43 -28.24
N GLY A 55 -26.17 6.98 -28.74
CA GLY A 55 -26.21 8.35 -29.22
C GLY A 55 -26.06 9.39 -28.12
N LEU A 56 -26.46 9.06 -26.90
CA LEU A 56 -26.27 9.98 -25.80
C LEU A 56 -24.79 10.16 -25.55
N ILE A 57 -24.06 9.05 -25.60
CA ILE A 57 -22.62 9.03 -25.39
C ILE A 57 -21.95 9.68 -26.59
N ALA A 58 -22.34 9.28 -27.79
CA ALA A 58 -21.82 9.94 -29.01
C ALA A 58 -21.98 11.46 -28.96
N GLU A 59 -23.14 11.91 -28.52
CA GLU A 59 -23.41 13.35 -28.43
C GLU A 59 -22.49 14.05 -27.49
N GLU A 60 -22.27 13.45 -26.32
CA GLU A 60 -21.36 14.01 -25.33
C GLU A 60 -19.92 14.07 -25.87
N ALA A 61 -19.49 13.01 -26.55
CA ALA A 61 -18.19 13.00 -27.22
C ALA A 61 -18.02 14.16 -28.19
N LYS A 62 -18.99 14.33 -29.11
CA LYS A 62 -18.99 15.46 -30.08
C LYS A 62 -18.91 16.81 -29.44
N ASN A 63 -19.60 17.02 -28.32
CA ASN A 63 -19.54 18.30 -27.61
C ASN A 63 -18.19 18.58 -26.99
N PHE A 64 -17.42 17.56 -26.68
CA PHE A 64 -16.04 17.75 -26.20
C PHE A 64 -15.03 17.89 -27.33
N GLY A 65 -15.49 17.74 -28.56
CA GLY A 65 -14.69 18.02 -29.73
C GLY A 65 -13.92 16.82 -30.24
N VAL A 66 -14.33 15.60 -29.88
CA VAL A 66 -13.56 14.41 -30.25
C VAL A 66 -14.36 13.52 -31.19
N GLU A 67 -13.66 12.62 -31.85
CA GLU A 67 -14.28 11.71 -32.80
C GLU A 67 -15.05 10.60 -32.12
N VAL A 68 -15.98 10.04 -32.85
CA VAL A 68 -16.84 8.97 -32.37
C VAL A 68 -16.79 7.79 -33.33
N VAL A 69 -16.70 6.58 -32.79
CA VAL A 69 -16.91 5.36 -33.55
C VAL A 69 -18.13 4.67 -32.97
N LEU A 70 -19.06 4.26 -33.83
CA LEU A 70 -20.26 3.58 -33.39
C LEU A 70 -19.99 2.09 -33.38
N ARG A 71 -20.26 1.46 -32.24
CA ARG A 71 -20.04 0.03 -32.06
C ARG A 71 -21.32 -0.70 -32.30
N PRO A 72 -21.25 -1.81 -33.03
CA PRO A 72 -22.42 -2.68 -33.09
C PRO A 72 -22.67 -3.32 -31.74
N ALA A 73 -23.93 -3.63 -31.46
CA ALA A 73 -24.32 -4.16 -30.15
C ALA A 73 -23.45 -5.29 -29.62
N GLU A 74 -23.03 -6.21 -30.50
CA GLU A 74 -22.25 -7.41 -30.06
C GLU A 74 -20.94 -6.99 -29.38
N LEU A 75 -20.34 -5.88 -29.82
CA LEU A 75 -19.10 -5.34 -29.22
C LEU A 75 -19.30 -4.44 -27.99
N ALA A 76 -20.56 -4.18 -27.62
CA ALA A 76 -20.92 -3.40 -26.44
C ALA A 76 -21.69 -4.18 -25.37
N SER A 77 -21.94 -5.46 -25.59
CA SER A 77 -22.64 -6.25 -24.60
C SER A 77 -21.77 -6.47 -23.35
N ASP A 78 -22.38 -6.94 -22.28
CA ASP A 78 -21.68 -7.17 -21.04
C ASP A 78 -20.58 -8.22 -21.15
N THR A 79 -20.71 -9.17 -22.07
CA THR A 79 -19.65 -10.17 -22.31
C THR A 79 -18.53 -9.73 -23.27
N ALA A 80 -18.69 -8.61 -23.97
CA ALA A 80 -17.63 -8.11 -24.86
C ALA A 80 -16.35 -7.60 -24.12
N SER A 81 -15.21 -7.99 -24.65
CA SER A 81 -13.90 -7.62 -24.10
C SER A 81 -13.62 -6.22 -24.60
N SER A 82 -12.80 -5.50 -23.85
CA SER A 82 -12.34 -4.20 -24.28
C SER A 82 -11.51 -4.29 -25.55
N ILE A 83 -10.68 -5.33 -25.65
CA ILE A 83 -9.81 -5.47 -26.84
C ILE A 83 -10.58 -5.44 -28.16
N SER A 84 -11.73 -6.12 -28.23
CA SER A 84 -12.51 -6.16 -29.46
C SER A 84 -13.00 -4.77 -29.88
N GLY A 85 -13.31 -3.94 -28.89
CA GLY A 85 -13.77 -2.60 -29.15
C GLY A 85 -12.69 -1.68 -29.66
N VAL A 86 -11.51 -1.82 -29.08
CA VAL A 86 -10.34 -1.00 -29.44
C VAL A 86 -9.85 -1.37 -30.85
N ILE A 87 -9.81 -2.66 -31.16
CA ILE A 87 -9.45 -3.13 -32.47
C ILE A 87 -10.46 -2.61 -33.48
N HIS A 88 -11.75 -2.79 -33.17
CA HIS A 88 -12.83 -2.29 -34.03
C HIS A 88 -12.67 -0.78 -34.33
N ALA A 89 -12.33 0.00 -33.31
CA ALA A 89 -12.08 1.43 -33.46
C ALA A 89 -10.88 1.68 -34.33
N LEU A 90 -9.81 0.90 -34.14
CA LEU A 90 -8.60 1.05 -34.96
C LEU A 90 -8.87 0.74 -36.42
N GLU A 91 -9.65 -0.31 -36.68
CA GLU A 91 -10.05 -0.66 -38.04
C GLU A 91 -10.89 0.41 -38.69
N THR A 92 -11.77 1.04 -37.91
CA THR A 92 -12.68 2.06 -38.43
C THR A 92 -11.94 3.31 -38.90
N ILE A 93 -11.01 3.80 -38.10
CA ILE A 93 -10.27 5.01 -38.45
C ILE A 93 -9.12 4.70 -39.39
N GLY A 94 -8.79 3.42 -39.53
CA GLY A 94 -7.70 2.97 -40.41
C GLY A 94 -6.29 3.17 -39.88
N SER A 95 -6.10 3.02 -38.57
CA SER A 95 -4.75 3.05 -37.96
C SER A 95 -4.34 1.67 -37.56
N ASN A 96 -3.12 1.29 -37.96
CA ASN A 96 -2.45 0.06 -37.51
C ASN A 96 -0.95 0.26 -37.19
N SER A 97 -0.56 1.49 -36.89
CA SER A 97 0.83 1.84 -36.73
C SER A 97 0.94 3.09 -35.87
N GLY A 98 1.79 3.01 -34.85
CA GLY A 98 2.00 4.08 -33.86
C GLY A 98 1.72 3.55 -32.47
N THR A 99 0.94 4.28 -31.68
CA THR A 99 0.50 3.81 -30.35
C THR A 99 -0.99 3.97 -30.16
N VAL A 100 -1.57 3.04 -29.39
CA VAL A 100 -2.98 3.09 -29.03
C VAL A 100 -3.10 3.02 -27.53
N THR A 101 -3.79 4.00 -26.96
CA THR A 101 -3.98 4.06 -25.52
C THR A 101 -5.46 3.90 -25.16
N LEU A 102 -5.77 2.94 -24.30
CA LEU A 102 -7.14 2.77 -23.74
C LEU A 102 -7.27 3.62 -22.50
N LEU A 103 -8.29 4.46 -22.48
CA LEU A 103 -8.57 5.33 -21.32
C LEU A 103 -10.00 5.08 -20.90
N GLN A 104 -10.19 4.38 -19.79
CA GLN A 104 -11.54 4.00 -19.35
C GLN A 104 -12.19 5.13 -18.56
N PRO A 105 -13.44 5.49 -18.90
CA PRO A 105 -14.11 6.61 -18.22
C PRO A 105 -14.42 6.39 -16.75
N THR A 106 -14.38 5.14 -16.34
CA THR A 106 -14.52 4.75 -14.96
C THR A 106 -13.40 5.21 -14.08
N SER A 107 -12.32 5.79 -14.64
CA SER A 107 -11.21 6.35 -13.84
C SER A 107 -11.13 7.90 -13.93
N PRO A 108 -12.12 8.60 -13.32
CA PRO A 108 -12.20 10.06 -13.42
C PRO A 108 -11.03 10.85 -12.82
N LEU A 109 -10.28 10.28 -11.88
CA LEU A 109 -9.17 11.02 -11.28
C LEU A 109 -7.84 10.82 -11.98
N ARG A 110 -7.81 10.03 -13.05
CA ARG A 110 -6.66 9.98 -13.93
C ARG A 110 -6.69 11.19 -14.84
N THR A 111 -5.58 11.91 -14.90
CA THR A 111 -5.47 13.26 -15.46
C THR A 111 -4.56 13.22 -16.69
N GLY A 112 -4.46 14.36 -17.35
CA GLY A 112 -3.50 14.52 -18.43
C GLY A 112 -2.07 14.34 -17.94
N ALA A 113 -1.76 14.83 -16.75
CA ALA A 113 -0.42 14.62 -16.15
C ALA A 113 -0.09 13.12 -15.96
N HIS A 114 -1.09 12.33 -15.56
CA HIS A 114 -0.91 10.89 -15.42
C HIS A 114 -0.56 10.24 -16.74
N ILE A 115 -1.29 10.66 -17.78
CA ILE A 115 -1.11 10.11 -19.13
C ILE A 115 0.29 10.43 -19.62
N ARG A 116 0.67 11.69 -19.50
CA ARG A 116 2.03 12.15 -19.83
C ARG A 116 3.12 11.30 -19.11
N GLU A 117 2.96 11.12 -17.81
CA GLU A 117 3.92 10.36 -17.03
C GLU A 117 3.96 8.91 -17.47
N ALA A 118 2.80 8.32 -17.70
CA ALA A 118 2.74 6.96 -18.23
C ALA A 118 3.48 6.85 -19.55
N PHE A 119 3.27 7.82 -20.45
CA PHE A 119 3.97 7.82 -21.75
C PHE A 119 5.49 7.87 -21.71
N SER A 120 6.04 8.55 -20.71
CA SER A 120 7.47 8.61 -20.55
C SER A 120 8.07 7.24 -20.16
N LEU A 121 7.23 6.30 -19.71
CA LEU A 121 7.68 4.91 -19.49
C LEU A 121 7.64 4.06 -20.75
N PHE A 122 6.94 4.50 -21.80
CA PHE A 122 6.76 3.67 -23.00
C PHE A 122 8.00 3.79 -23.85
N ASP A 123 8.45 2.67 -24.39
CA ASP A 123 9.69 2.60 -25.15
C ASP A 123 9.36 2.25 -26.62
N GLU A 124 9.59 3.19 -27.54
CA GLU A 124 9.38 2.97 -29.01
C GLU A 124 10.10 1.73 -29.59
N LYS A 125 11.29 1.41 -29.08
CA LYS A 125 12.09 0.30 -29.60
C LYS A 125 11.62 -1.04 -29.09
N ILE A 126 11.38 -1.14 -27.79
CA ILE A 126 11.00 -2.43 -27.15
C ILE A 126 9.50 -2.75 -27.27
N LYS A 127 8.66 -1.71 -27.21
CA LYS A 127 7.21 -1.83 -27.51
C LYS A 127 6.37 -2.71 -26.57
N GLY A 128 6.78 -2.83 -25.31
CA GLY A 128 5.96 -3.47 -24.28
C GLY A 128 4.94 -2.47 -23.77
N SER A 129 3.88 -2.99 -23.17
CA SER A 129 2.79 -2.17 -22.62
C SER A 129 3.24 -1.27 -21.48
N VAL A 130 2.57 -0.14 -21.34
CA VAL A 130 2.56 0.60 -20.07
C VAL A 130 1.14 0.52 -19.53
N VAL A 131 0.98 0.00 -18.31
CA VAL A 131 -0.33 -0.17 -17.72
C VAL A 131 -0.36 0.53 -16.36
N SER A 132 -1.37 1.36 -16.13
CA SER A 132 -1.51 2.04 -14.83
C SER A 132 -2.00 1.01 -13.81
N ALA A 133 -1.44 1.08 -12.63
CA ALA A 133 -1.73 0.15 -11.58
C ALA A 133 -1.47 0.79 -10.25
N CYS A 134 -2.07 0.24 -9.21
CA CYS A 134 -1.86 0.73 -7.87
C CYS A 134 -1.66 -0.42 -6.91
N PRO A 135 -1.00 -0.15 -5.77
CA PRO A 135 -0.81 -1.22 -4.80
C PRO A 135 -2.15 -1.50 -4.13
N MET A 136 -2.31 -2.65 -3.51
CA MET A 136 -3.62 -3.02 -2.94
C MET A 136 -3.70 -2.91 -1.42
N GLU A 137 -4.85 -2.46 -0.91
CA GLU A 137 -5.03 -2.32 0.54
C GLU A 137 -5.19 -3.67 1.18
N HIS A 138 -5.60 -4.68 0.41
CA HIS A 138 -5.77 -6.06 0.90
C HIS A 138 -5.24 -7.03 -0.12
N HIS A 139 -4.50 -8.01 0.35
CA HIS A 139 -3.78 -8.89 -0.54
C HIS A 139 -4.69 -9.92 -1.22
N PRO A 140 -4.65 -10.01 -2.56
CA PRO A 140 -5.58 -10.87 -3.28
C PRO A 140 -5.36 -12.37 -3.08
N LEU A 141 -4.20 -12.78 -2.62
CA LEU A 141 -4.01 -14.16 -2.20
C LEU A 141 -4.81 -14.53 -0.99
N LYS A 142 -5.19 -13.54 -0.21
CA LYS A 142 -5.99 -13.78 0.99
C LYS A 142 -7.47 -13.73 0.65
N THR A 143 -7.88 -14.60 -0.27
CA THR A 143 -9.23 -14.56 -0.78
C THR A 143 -9.71 -15.96 -1.05
N LEU A 144 -11.04 -16.10 -1.09
CA LEU A 144 -11.72 -17.33 -1.44
C LEU A 144 -12.51 -17.13 -2.70
N LEU A 145 -12.52 -18.15 -3.56
CA LEU A 145 -13.36 -18.12 -4.74
C LEU A 145 -14.43 -19.19 -4.65
N GLN A 146 -15.65 -18.86 -5.08
CA GLN A 146 -16.78 -19.79 -5.25
C GLN A 146 -16.43 -20.79 -6.36
N ILE A 147 -16.43 -22.09 -6.02
CA ILE A 147 -16.28 -23.15 -7.01
C ILE A 147 -17.64 -23.82 -7.11
N ASN A 148 -17.95 -24.37 -8.28
CA ASN A 148 -19.37 -24.63 -8.58
C ASN A 148 -19.62 -25.98 -8.00
N ASN A 149 -20.49 -25.98 -6.97
CA ASN A 149 -20.63 -26.93 -5.89
C ASN A 149 -21.18 -26.35 -4.56
N GLY A 150 -20.96 -25.07 -4.28
CA GLY A 150 -21.37 -24.44 -3.05
C GLY A 150 -20.23 -24.04 -2.12
N GLU A 151 -19.02 -24.25 -2.59
CA GLU A 151 -17.90 -24.42 -1.70
C GLU A 151 -16.91 -23.37 -2.13
N TYR A 152 -16.03 -23.02 -1.23
CA TYR A 152 -15.10 -21.92 -1.46
C TYR A 152 -13.70 -22.47 -1.45
N ALA A 153 -12.88 -22.10 -2.42
CA ALA A 153 -11.52 -22.54 -2.45
C ALA A 153 -10.61 -21.37 -2.27
N PRO A 154 -9.41 -21.60 -1.73
CA PRO A 154 -8.46 -20.47 -1.60
C PRO A 154 -7.91 -20.04 -2.95
N MET A 155 -7.48 -18.80 -3.08
CA MET A 155 -6.94 -18.32 -4.32
C MET A 155 -5.79 -19.23 -4.77
N ARG A 156 -4.85 -19.44 -3.88
CA ARG A 156 -3.69 -20.27 -4.12
C ARG A 156 -3.62 -21.30 -3.00
N HIS A 157 -3.06 -20.96 -1.85
CA HIS A 157 -2.99 -21.90 -0.72
C HIS A 157 -3.85 -21.47 0.45
N LEU A 158 -4.27 -22.46 1.20
CA LEU A 158 -5.01 -22.23 2.43
C LEU A 158 -4.11 -21.48 3.42
N SER A 159 -2.83 -21.81 3.40
CA SER A 159 -1.86 -21.18 4.30
C SER A 159 -1.70 -19.69 4.01
N ASP A 160 -1.86 -19.29 2.73
CA ASP A 160 -1.76 -17.86 2.35
C ASP A 160 -2.77 -17.00 3.08
N LEU A 161 -3.94 -17.57 3.36
CA LEU A 161 -5.00 -16.87 4.06
C LEU A 161 -4.56 -16.34 5.42
N GLU A 162 -3.71 -17.09 6.10
CA GLU A 162 -3.23 -16.75 7.42
C GLU A 162 -1.81 -16.21 7.45
N GLN A 163 -1.18 -16.03 6.30
CA GLN A 163 0.22 -15.51 6.26
C GLN A 163 0.25 -14.06 6.69
N PRO A 164 1.24 -13.68 7.50
CA PRO A 164 1.46 -12.26 7.68
C PRO A 164 1.60 -11.57 6.31
N ARG A 165 0.96 -10.41 6.14
CA ARG A 165 0.97 -9.62 4.89
C ARG A 165 2.33 -9.57 4.21
N GLN A 166 3.37 -9.24 4.98
CA GLN A 166 4.71 -9.04 4.43
C GLN A 166 5.45 -10.27 3.89
N GLN A 167 5.07 -11.46 4.33
CA GLN A 167 5.62 -12.71 3.77
C GLN A 167 5.14 -12.97 2.35
N LEU A 168 4.09 -12.28 1.89
CA LEU A 168 3.48 -12.57 0.60
C LEU A 168 4.09 -11.73 -0.51
N PRO A 169 4.06 -12.25 -1.75
CA PRO A 169 4.61 -11.46 -2.88
C PRO A 169 3.89 -10.14 -3.00
N GLN A 170 4.59 -9.10 -3.45
CA GLN A 170 3.95 -7.80 -3.68
C GLN A 170 2.88 -7.87 -4.74
N ALA A 171 1.75 -7.20 -4.50
CA ALA A 171 0.63 -7.28 -5.40
C ALA A 171 0.27 -5.91 -5.92
N PHE A 172 -0.06 -5.84 -7.22
CA PHE A 172 -0.54 -4.62 -7.90
C PHE A 172 -1.82 -4.90 -8.66
N ARG A 173 -2.77 -3.96 -8.57
CA ARG A 173 -4.02 -4.01 -9.34
C ARG A 173 -3.89 -3.07 -10.53
N PRO A 174 -3.90 -3.58 -11.77
CA PRO A 174 -4.14 -2.67 -12.91
C PRO A 174 -5.47 -1.96 -12.69
N ASN A 175 -5.44 -0.65 -12.76
CA ASN A 175 -6.56 0.12 -12.25
C ASN A 175 -7.61 0.53 -13.30
N GLY A 176 -7.36 0.20 -14.56
CA GLY A 176 -8.26 0.51 -15.64
C GLY A 176 -8.04 1.87 -16.29
N ALA A 177 -7.24 2.72 -15.67
CA ALA A 177 -7.10 4.10 -16.09
C ALA A 177 -6.36 4.26 -17.44
N ILE A 178 -5.21 3.61 -17.56
CA ILE A 178 -4.32 3.80 -18.72
C ILE A 178 -3.76 2.47 -19.20
N TYR A 179 -3.85 2.23 -20.49
CA TYR A 179 -3.17 1.10 -21.10
C TYR A 179 -2.58 1.60 -22.42
N ILE A 180 -1.26 1.76 -22.46
CA ILE A 180 -0.57 2.22 -23.65
C ILE A 180 0.09 1.05 -24.34
N ASN A 181 -0.09 0.93 -25.64
CA ASN A 181 0.56 -0.13 -26.42
C ASN A 181 1.00 0.38 -27.77
N ASP A 182 1.99 -0.29 -28.34
CA ASP A 182 2.30 -0.18 -29.76
C ASP A 182 1.14 -0.81 -30.52
N THR A 183 0.59 -0.06 -31.47
CA THR A 183 -0.60 -0.44 -32.20
C THR A 183 -0.47 -1.81 -32.89
N ALA A 184 0.61 -2.01 -33.64
CA ALA A 184 0.78 -3.28 -34.36
C ALA A 184 0.91 -4.47 -33.39
N SER A 185 1.56 -4.22 -32.25
CA SER A 185 1.72 -5.26 -31.27
C SER A 185 0.37 -5.55 -30.69
N LEU A 186 -0.44 -4.52 -30.43
CA LEU A 186 -1.80 -4.75 -29.86
C LEU A 186 -2.61 -5.62 -30.77
N ILE A 187 -2.62 -5.23 -32.03
CA ILE A 187 -3.31 -5.98 -33.07
C ILE A 187 -2.79 -7.42 -33.11
N ALA A 188 -1.46 -7.61 -33.09
CA ALA A 188 -0.88 -8.97 -33.18
C ALA A 188 -1.20 -9.84 -31.97
N ASN A 189 -1.08 -9.28 -30.77
CA ASN A 189 -1.29 -10.06 -29.54
C ASN A 189 -2.74 -10.18 -29.14
N ASN A 190 -3.57 -9.26 -29.63
CA ASN A 190 -4.99 -9.19 -29.26
C ASN A 190 -5.21 -9.12 -27.76
N CYS A 191 -4.40 -8.31 -27.07
CA CYS A 191 -4.55 -8.05 -25.64
C CYS A 191 -3.82 -6.75 -25.32
N PHE A 192 -3.99 -6.29 -24.08
CA PHE A 192 -3.41 -5.03 -23.62
C PHE A 192 -2.11 -5.17 -22.80
N PHE A 193 -1.77 -6.42 -22.43
CA PHE A 193 -0.62 -6.73 -21.60
C PHE A 193 0.37 -7.50 -22.49
N ILE A 194 1.42 -6.80 -22.89
CA ILE A 194 2.36 -7.29 -23.86
C ILE A 194 3.75 -7.11 -23.28
N ALA A 195 4.52 -8.18 -23.32
CA ALA A 195 5.85 -8.19 -22.70
C ALA A 195 6.80 -7.30 -23.49
N PRO A 196 7.72 -6.59 -22.83
CA PRO A 196 7.85 -6.50 -21.38
C PRO A 196 7.01 -5.34 -20.87
N THR A 197 6.07 -5.66 -20.01
CA THR A 197 5.14 -4.67 -19.48
C THR A 197 5.76 -3.84 -18.35
N LYS A 198 5.65 -2.52 -18.47
CA LYS A 198 5.93 -1.63 -17.37
C LYS A 198 4.66 -1.15 -16.67
N LEU A 199 4.75 -0.98 -15.36
CA LEU A 199 3.65 -0.44 -14.59
C LEU A 199 3.86 1.04 -14.28
N TYR A 200 2.79 1.79 -14.42
CA TYR A 200 2.78 3.18 -14.06
C TYR A 200 1.98 3.26 -12.78
N ILE A 201 2.64 3.58 -11.66
CA ILE A 201 2.00 3.51 -10.35
C ILE A 201 1.21 4.76 -10.07
N MET A 202 -0.03 4.56 -9.64
CA MET A 202 -0.86 5.64 -9.19
C MET A 202 -1.25 5.34 -7.74
N SER A 203 -1.57 6.39 -6.97
CA SER A 203 -2.12 6.14 -5.65
C SER A 203 -3.45 5.37 -5.75
N HIS A 204 -3.73 4.59 -4.73
CA HIS A 204 -5.04 3.97 -4.54
C HIS A 204 -6.17 5.00 -4.65
N GLN A 205 -5.92 6.20 -4.12
CA GLN A 205 -6.88 7.29 -4.20
C GLN A 205 -7.17 7.67 -5.67
N ASP A 206 -6.13 8.03 -6.41
CA ASP A 206 -6.26 8.40 -7.82
C ASP A 206 -6.72 7.24 -8.72
N SER A 207 -6.62 6.00 -8.22
CA SER A 207 -7.05 4.81 -8.95
C SER A 207 -8.53 4.45 -8.72
N ILE A 208 -9.27 5.32 -8.03
CA ILE A 208 -10.66 5.04 -7.70
C ILE A 208 -11.43 4.83 -9.01
N ASP A 209 -12.26 3.81 -9.04
CA ASP A 209 -13.09 3.57 -10.19
C ASP A 209 -14.54 3.50 -9.78
N ILE A 210 -15.43 3.77 -10.73
CA ILE A 210 -16.83 3.93 -10.47
C ILE A 210 -17.61 2.69 -10.85
N ASP A 211 -18.10 1.98 -9.83
CA ASP A 211 -19.14 0.94 -9.99
C ASP A 211 -20.48 1.42 -9.44
N THR A 212 -20.45 2.34 -8.47
CA THR A 212 -21.63 2.73 -7.67
C THR A 212 -21.76 4.24 -7.42
N GLU A 213 -22.94 4.61 -6.95
CA GLU A 213 -23.23 5.98 -6.56
C GLU A 213 -22.30 6.47 -5.44
N LEU A 214 -21.93 5.56 -4.54
CA LEU A 214 -20.99 5.87 -3.46
C LEU A 214 -19.61 6.21 -4.00
N ASP A 215 -19.11 5.35 -4.88
CA ASP A 215 -17.82 5.59 -5.56
C ASP A 215 -17.76 6.99 -6.16
N LEU A 216 -18.89 7.41 -6.72
CA LEU A 216 -19.02 8.71 -7.36
C LEU A 216 -18.93 9.85 -6.33
N GLN A 217 -19.69 9.70 -5.24
CA GLN A 217 -19.65 10.57 -4.05
C GLN A 217 -18.21 10.73 -3.56
N GLN A 218 -17.55 9.59 -3.38
CA GLN A 218 -16.22 9.53 -2.80
C GLN A 218 -15.14 10.16 -3.66
N ALA A 219 -15.24 9.93 -4.97
CA ALA A 219 -14.38 10.59 -5.95
C ALA A 219 -14.54 12.09 -5.91
N GLU A 220 -15.77 12.53 -5.71
CA GLU A 220 -16.10 13.96 -5.59
C GLU A 220 -15.45 14.58 -4.35
N ASN A 221 -15.46 13.86 -3.22
CA ASN A 221 -14.76 14.30 -1.98
C ASN A 221 -13.28 14.43 -2.23
N ILE A 222 -12.72 13.37 -2.83
CA ILE A 222 -11.31 13.35 -3.16
C ILE A 222 -11.00 14.56 -4.04
N LEU A 223 -11.69 14.73 -5.17
CA LEU A 223 -11.36 15.86 -6.09
C LEU A 223 -11.32 17.21 -5.34
N ASN A 224 -12.25 17.47 -4.43
CA ASN A 224 -12.28 18.73 -3.67
C ASN A 224 -11.27 18.72 -2.54
N HIS A 225 -10.00 18.97 -2.91
CA HIS A 225 -8.90 19.11 -1.95
C HIS A 225 -7.68 19.74 -2.63
N MET B 1 -13.11 -33.65 29.75
CA MET B 1 -13.45 -32.28 30.27
C MET B 1 -14.68 -31.68 29.52
N GLU B 2 -15.31 -30.70 30.16
CA GLU B 2 -16.54 -30.12 29.67
C GLU B 2 -16.31 -29.20 28.43
N LYS B 3 -17.34 -29.08 27.61
CA LYS B 3 -17.26 -28.20 26.44
C LYS B 3 -17.37 -26.75 26.88
N GLN B 4 -16.48 -25.91 26.33
CA GLN B 4 -16.51 -24.48 26.61
C GLN B 4 -16.37 -23.68 25.32
N ASN B 5 -17.14 -22.60 25.24
CA ASN B 5 -17.02 -21.65 24.12
C ASN B 5 -16.08 -20.53 24.52
N ILE B 6 -14.89 -20.55 23.94
CA ILE B 6 -13.85 -19.59 24.25
C ILE B 6 -13.77 -18.53 23.14
N ALA B 7 -13.69 -17.27 23.55
CA ALA B 7 -13.27 -16.21 22.65
C ALA B 7 -11.82 -15.90 22.95
N VAL B 8 -10.99 -15.92 21.91
CA VAL B 8 -9.61 -15.51 22.00
C VAL B 8 -9.45 -14.28 21.13
N ILE B 9 -8.94 -13.23 21.77
CA ILE B 9 -8.63 -12.00 21.13
C ILE B 9 -7.11 -11.90 21.15
N LEU B 10 -6.45 -12.11 20.03
CA LEU B 10 -5.02 -11.82 19.94
C LEU B 10 -4.74 -10.33 19.73
N ALA B 11 -3.95 -9.74 20.64
CA ALA B 11 -3.65 -8.31 20.66
C ALA B 11 -2.21 -8.04 21.11
N ARG B 12 -1.27 -8.22 20.19
CA ARG B 12 0.14 -7.92 20.45
C ARG B 12 0.30 -6.43 20.74
N GLN B 13 1.30 -6.08 21.53
CA GLN B 13 1.51 -4.68 21.94
C GLN B 13 2.31 -3.89 20.93
N ASN B 14 3.39 -4.49 20.45
CA ASN B 14 4.32 -3.77 19.60
C ASN B 14 3.94 -3.97 18.15
N SER B 15 2.98 -3.16 17.71
CA SER B 15 2.47 -3.22 16.34
C SER B 15 3.30 -2.29 15.45
N LYS B 16 3.64 -2.74 14.24
CA LYS B 16 4.59 -1.99 13.35
C LYS B 16 3.93 -1.03 12.33
N GLY B 17 2.75 -1.38 11.84
CA GLY B 17 1.99 -0.49 10.94
C GLY B 17 1.62 0.85 11.56
N LEU B 18 1.16 0.79 12.81
CA LEU B 18 0.76 1.97 13.61
C LEU B 18 1.11 1.73 15.09
N PRO B 19 1.81 2.66 15.76
CA PRO B 19 2.24 2.33 17.15
C PRO B 19 1.07 2.06 18.08
N LEU B 20 1.21 1.04 18.91
CA LEU B 20 0.17 0.63 19.86
C LEU B 20 -1.23 0.53 19.28
N LYS B 21 -1.32 -0.11 18.12
CA LYS B 21 -2.53 -0.09 17.31
C LYS B 21 -3.72 -0.60 18.11
N ASN B 22 -3.55 -1.75 18.77
CA ASN B 22 -4.65 -2.37 19.49
C ASN B 22 -5.20 -1.53 20.65
N LEU B 23 -4.46 -0.52 21.11
CA LEU B 23 -4.94 0.42 22.13
C LEU B 23 -5.50 1.74 21.61
N ARG B 24 -5.39 1.98 20.30
CA ARG B 24 -5.88 3.21 19.71
C ARG B 24 -7.35 3.39 19.88
N LYS B 25 -7.73 4.59 20.31
CA LYS B 25 -9.13 4.90 20.55
C LYS B 25 -9.87 5.18 19.25
N MET B 26 -11.14 4.75 19.23
CA MET B 26 -12.08 5.03 18.17
C MET B 26 -13.42 5.30 18.85
N ASN B 27 -13.91 6.54 18.76
CA ASN B 27 -15.03 7.03 19.57
C ASN B 27 -14.86 6.68 21.05
N GLY B 28 -13.70 7.05 21.59
CA GLY B 28 -13.48 7.05 23.03
C GLY B 28 -13.08 5.72 23.64
N ILE B 29 -13.10 4.64 22.85
CA ILE B 29 -12.81 3.30 23.35
C ILE B 29 -11.74 2.68 22.46
N SER B 30 -10.86 1.89 23.08
CA SER B 30 -9.76 1.25 22.35
C SER B 30 -10.27 0.19 21.38
N LEU B 31 -9.50 -0.05 20.34
CA LEU B 31 -9.77 -1.20 19.46
C LEU B 31 -9.97 -2.46 20.26
N LEU B 32 -9.08 -2.68 21.24
CA LEU B 32 -9.23 -3.82 22.14
C LEU B 32 -10.60 -3.81 22.81
N GLY B 33 -10.98 -2.67 23.38
CA GLY B 33 -12.24 -2.51 24.06
C GLY B 33 -13.45 -2.76 23.20
N HIS B 34 -13.39 -2.36 21.95
CA HIS B 34 -14.49 -2.60 21.02
C HIS B 34 -14.75 -4.08 20.81
N THR B 35 -13.69 -4.82 20.55
CA THR B 35 -13.82 -6.26 20.33
C THR B 35 -14.24 -7.00 21.61
N ILE B 36 -13.70 -6.60 22.75
CA ILE B 36 -14.13 -7.17 24.05
C ILE B 36 -15.61 -6.94 24.33
N ASN B 37 -16.06 -5.71 24.13
CA ASN B 37 -17.49 -5.39 24.28
C ASN B 37 -18.34 -6.23 23.32
N ALA B 38 -17.85 -6.43 22.09
CA ALA B 38 -18.53 -7.26 21.13
C ALA B 38 -18.61 -8.69 21.66
N ALA B 39 -17.51 -9.22 22.18
CA ALA B 39 -17.52 -10.58 22.73
C ALA B 39 -18.46 -10.71 23.93
N ILE B 40 -18.31 -9.80 24.90
CA ILE B 40 -19.20 -9.75 26.05
C ILE B 40 -20.65 -9.65 25.59
N SER B 41 -20.96 -8.66 24.78
CA SER B 41 -22.38 -8.40 24.46
C SER B 41 -22.97 -9.50 23.62
N SER B 42 -22.15 -10.25 22.89
CA SER B 42 -22.66 -11.37 22.10
C SER B 42 -23.29 -12.45 22.96
N LYS B 43 -22.80 -12.60 24.19
CA LYS B 43 -23.26 -13.62 25.14
C LYS B 43 -23.07 -15.06 24.59
N CYS B 44 -22.17 -15.24 23.62
CA CYS B 44 -21.89 -16.56 23.09
C CYS B 44 -20.79 -17.29 23.82
N PHE B 45 -20.04 -16.61 24.70
CA PHE B 45 -18.79 -17.17 25.27
C PHE B 45 -18.84 -17.44 26.75
N ASP B 46 -18.30 -18.59 27.14
CA ASP B 46 -18.15 -18.96 28.53
C ASP B 46 -16.95 -18.21 29.11
N ARG B 47 -15.88 -18.06 28.31
CA ARG B 47 -14.67 -17.33 28.69
C ARG B 47 -14.20 -16.45 27.55
N ILE B 48 -13.65 -15.29 27.91
CA ILE B 48 -13.03 -14.36 26.97
C ILE B 48 -11.58 -14.13 27.41
N ILE B 49 -10.63 -14.55 26.56
CA ILE B 49 -9.21 -14.41 26.81
C ILE B 49 -8.67 -13.36 25.84
N VAL B 50 -7.90 -12.41 26.35
CA VAL B 50 -7.06 -11.55 25.54
C VAL B 50 -5.64 -12.09 25.68
N SER B 51 -4.98 -12.37 24.57
CA SER B 51 -3.63 -12.91 24.56
C SER B 51 -2.73 -11.80 24.09
N THR B 52 -1.72 -11.47 24.89
CA THR B 52 -0.80 -10.41 24.54
C THR B 52 0.59 -10.66 25.14
N ASP B 53 1.59 -9.99 24.58
CA ASP B 53 2.93 -9.95 25.10
C ASP B 53 3.14 -8.72 26.00
N GLY B 54 2.17 -7.82 26.07
CA GLY B 54 2.42 -6.50 26.66
C GLY B 54 1.48 -6.10 27.79
N GLY B 55 2.09 -5.53 28.83
CA GLY B 55 1.37 -5.14 30.03
C GLY B 55 0.41 -4.01 29.82
N LEU B 56 0.65 -3.16 28.82
CA LEU B 56 -0.33 -2.09 28.52
C LEU B 56 -1.64 -2.68 28.01
N ILE B 57 -1.49 -3.69 27.16
CA ILE B 57 -2.62 -4.43 26.61
C ILE B 57 -3.25 -5.26 27.72
N ALA B 58 -2.44 -5.99 28.47
CA ALA B 58 -2.97 -6.78 29.59
C ALA B 58 -3.79 -5.92 30.53
N GLU B 59 -3.28 -4.72 30.83
CA GLU B 59 -3.96 -3.82 31.75
C GLU B 59 -5.34 -3.35 31.23
N GLU B 60 -5.41 -3.05 29.93
CA GLU B 60 -6.68 -2.71 29.29
C GLU B 60 -7.68 -3.88 29.31
N ALA B 61 -7.20 -5.09 29.02
CA ALA B 61 -8.03 -6.28 29.12
C ALA B 61 -8.67 -6.41 30.50
N LYS B 62 -7.83 -6.30 31.54
CA LYS B 62 -8.30 -6.40 32.95
C LYS B 62 -9.35 -5.38 33.28
N ASN B 63 -9.22 -4.15 32.79
CA ASN B 63 -10.23 -3.10 33.05
C ASN B 63 -11.54 -3.39 32.37
N PHE B 64 -11.54 -4.20 31.30
CA PHE B 64 -12.81 -4.62 30.68
C PHE B 64 -13.40 -5.88 31.32
N GLY B 65 -12.68 -6.45 32.26
CA GLY B 65 -13.18 -7.56 33.05
C GLY B 65 -12.90 -8.95 32.48
N VAL B 66 -11.92 -9.08 31.59
CA VAL B 66 -11.67 -10.33 30.89
C VAL B 66 -10.32 -10.89 31.26
N GLU B 67 -10.15 -12.18 30.99
CA GLU B 67 -8.91 -12.87 31.30
C GLU B 67 -7.80 -12.50 30.33
N VAL B 68 -6.57 -12.67 30.80
CA VAL B 68 -5.37 -12.35 30.04
C VAL B 68 -4.44 -13.57 30.00
N VAL B 69 -3.90 -13.87 28.83
CA VAL B 69 -2.85 -14.84 28.68
C VAL B 69 -1.63 -14.08 28.19
N LEU B 70 -0.48 -14.33 28.82
CA LEU B 70 0.75 -13.66 28.44
C LEU B 70 1.46 -14.52 27.42
N ARG B 71 1.80 -13.93 26.28
CA ARG B 71 2.47 -14.64 25.22
C ARG B 71 3.96 -14.41 25.32
N PRO B 72 4.76 -15.47 25.14
CA PRO B 72 6.19 -15.23 24.95
C PRO B 72 6.47 -14.53 23.64
N ALA B 73 7.54 -13.74 23.60
CA ALA B 73 7.87 -12.91 22.43
C ALA B 73 7.80 -13.63 21.10
N GLU B 74 8.27 -14.90 21.04
CA GLU B 74 8.32 -15.67 19.77
C GLU B 74 6.91 -15.80 19.15
N LEU B 75 5.87 -15.90 19.97
CA LEU B 75 4.47 -15.97 19.51
C LEU B 75 3.78 -14.63 19.24
N ALA B 76 4.49 -13.53 19.50
CA ALA B 76 4.02 -12.17 19.20
C ALA B 76 4.84 -11.40 18.15
N SER B 77 5.88 -12.03 17.59
CA SER B 77 6.70 -11.36 16.60
C SER B 77 5.93 -11.18 15.30
N ASP B 78 6.48 -10.34 14.42
CA ASP B 78 5.83 -10.02 13.16
C ASP B 78 5.66 -11.22 12.24
N THR B 79 6.50 -12.24 12.35
CA THR B 79 6.31 -13.49 11.60
C THR B 79 5.40 -14.54 12.24
N ALA B 80 4.99 -14.37 13.50
CA ALA B 80 4.10 -15.34 14.14
C ALA B 80 2.67 -15.37 13.54
N SER B 81 2.17 -16.58 13.37
CA SER B 81 0.83 -16.82 12.88
C SER B 81 -0.13 -16.65 14.02
N SER B 82 -1.37 -16.28 13.68
CA SER B 82 -2.45 -16.20 14.66
C SER B 82 -2.71 -17.56 15.30
N ILE B 83 -2.64 -18.62 14.49
CA ILE B 83 -2.96 -19.96 15.00
C ILE B 83 -2.12 -20.33 16.22
N SER B 84 -0.82 -20.03 16.17
CA SER B 84 0.07 -20.40 17.26
C SER B 84 -0.32 -19.70 18.57
N GLY B 85 -0.82 -18.47 18.46
CA GLY B 85 -1.27 -17.71 19.62
C GLY B 85 -2.53 -18.23 20.25
N VAL B 86 -3.48 -18.60 19.39
CA VAL B 86 -4.76 -19.14 19.81
C VAL B 86 -4.59 -20.52 20.47
N ILE B 87 -3.75 -21.37 19.88
CA ILE B 87 -3.44 -22.67 20.46
C ILE B 87 -2.76 -22.47 21.82
N HIS B 88 -1.78 -21.59 21.87
CA HIS B 88 -1.10 -21.27 23.11
C HIS B 88 -2.08 -20.83 24.21
N ALA B 89 -3.03 -20.00 23.84
CA ALA B 89 -4.07 -19.55 24.77
C ALA B 89 -4.93 -20.71 25.20
N LEU B 90 -5.27 -21.58 24.27
CA LEU B 90 -6.09 -22.74 24.62
C LEU B 90 -5.38 -23.67 25.58
N GLU B 91 -4.09 -23.86 25.35
CA GLU B 91 -3.26 -24.69 26.23
C GLU B 91 -3.15 -24.10 27.63
N THR B 92 -3.07 -22.76 27.71
CA THR B 92 -2.88 -22.07 28.97
C THR B 92 -4.10 -22.19 29.87
N ILE B 93 -5.30 -22.01 29.32
CA ILE B 93 -6.52 -22.11 30.11
C ILE B 93 -7.00 -23.54 30.25
N GLY B 94 -6.37 -24.47 29.51
CA GLY B 94 -6.70 -25.87 29.56
C GLY B 94 -8.01 -26.25 28.90
N SER B 95 -8.36 -25.61 27.76
CA SER B 95 -9.52 -26.01 26.94
C SER B 95 -9.04 -26.68 25.67
N ASN B 96 -9.62 -27.83 25.37
CA ASN B 96 -9.46 -28.51 24.06
C ASN B 96 -10.79 -29.10 23.53
N SER B 97 -11.92 -28.58 23.98
CA SER B 97 -13.23 -29.14 23.67
C SER B 97 -14.29 -28.04 23.79
N GLY B 98 -15.11 -27.93 22.74
CA GLY B 98 -16.16 -26.90 22.61
C GLY B 98 -15.92 -26.10 21.33
N THR B 99 -15.93 -24.79 21.45
CA THR B 99 -15.64 -23.89 20.30
C THR B 99 -14.69 -22.79 20.69
N VAL B 100 -13.87 -22.39 19.74
CA VAL B 100 -12.92 -21.30 19.92
C VAL B 100 -13.11 -20.29 18.81
N THR B 101 -13.29 -19.04 19.19
CA THR B 101 -13.53 -17.99 18.24
C THR B 101 -12.41 -16.96 18.33
N LEU B 102 -11.77 -16.70 17.20
CA LEU B 102 -10.81 -15.62 17.10
C LEU B 102 -11.55 -14.33 16.76
N LEU B 103 -11.33 -13.28 17.57
CA LEU B 103 -11.89 -11.96 17.31
C LEU B 103 -10.73 -10.96 17.27
N GLN B 104 -10.41 -10.45 16.08
CA GLN B 104 -9.26 -9.57 15.91
C GLN B 104 -9.65 -8.14 16.25
N PRO B 105 -8.88 -7.46 17.12
CA PRO B 105 -9.20 -6.07 17.48
C PRO B 105 -9.11 -5.04 16.34
N THR B 106 -8.47 -5.43 15.25
CA THR B 106 -8.48 -4.64 14.02
C THR B 106 -9.83 -4.51 13.31
N SER B 107 -10.86 -5.20 13.78
CA SER B 107 -12.20 -5.08 13.22
C SER B 107 -13.19 -4.45 14.23
N PRO B 108 -13.04 -3.14 14.50
CA PRO B 108 -13.88 -2.43 15.47
C PRO B 108 -15.38 -2.36 15.19
N LEU B 109 -15.80 -2.48 13.94
CA LEU B 109 -17.24 -2.40 13.63
C LEU B 109 -17.95 -3.72 13.69
N ARG B 110 -17.22 -4.79 14.00
CA ARG B 110 -17.84 -6.07 14.23
C ARG B 110 -18.39 -6.05 15.65
N THR B 111 -19.65 -6.41 15.81
CA THR B 111 -20.43 -6.19 17.01
C THR B 111 -20.80 -7.57 17.63
N GLY B 112 -21.42 -7.52 18.81
CA GLY B 112 -21.99 -8.70 19.40
C GLY B 112 -23.03 -9.31 18.50
N ALA B 113 -23.83 -8.47 17.82
CA ALA B 113 -24.86 -9.00 16.92
C ALA B 113 -24.24 -9.80 15.77
N HIS B 114 -23.09 -9.34 15.27
CA HIS B 114 -22.39 -10.03 14.22
C HIS B 114 -21.94 -11.38 14.69
N ILE B 115 -21.41 -11.42 15.90
CA ILE B 115 -20.92 -12.64 16.49
C ILE B 115 -22.08 -13.64 16.64
N ARG B 116 -23.20 -13.19 17.22
CA ARG B 116 -24.44 -14.01 17.32
C ARG B 116 -24.82 -14.61 15.98
N GLU B 117 -24.91 -13.76 14.97
CA GLU B 117 -25.34 -14.18 13.66
C GLU B 117 -24.38 -15.19 13.07
N ALA B 118 -23.08 -14.93 13.22
CA ALA B 118 -22.05 -15.88 12.78
C ALA B 118 -22.25 -17.23 13.48
N PHE B 119 -22.50 -17.22 14.78
CA PHE B 119 -22.74 -18.47 15.53
C PHE B 119 -23.92 -19.31 15.07
N SER B 120 -24.98 -18.67 14.62
CA SER B 120 -26.14 -19.41 14.13
C SER B 120 -25.83 -20.17 12.83
N LEU B 121 -24.72 -19.85 12.17
CA LEU B 121 -24.22 -20.64 11.02
C LEU B 121 -23.38 -21.83 11.42
N PHE B 122 -22.85 -21.86 12.64
CA PHE B 122 -21.95 -22.93 13.05
C PHE B 122 -22.76 -24.18 13.38
N ASP B 123 -22.30 -25.33 12.92
CA ASP B 123 -23.01 -26.61 13.06
C ASP B 123 -22.21 -27.55 13.99
N GLU B 124 -22.77 -27.83 15.19
CA GLU B 124 -22.14 -28.72 16.19
C GLU B 124 -21.77 -30.09 15.66
N LYS B 125 -22.57 -30.64 14.74
CA LYS B 125 -22.36 -31.99 14.21
C LYS B 125 -21.27 -32.02 13.16
N ILE B 126 -21.33 -31.11 12.20
CA ILE B 126 -20.40 -31.10 11.05
C ILE B 126 -19.05 -30.42 11.36
N LYS B 127 -19.08 -29.37 12.19
CA LYS B 127 -17.87 -28.77 12.78
C LYS B 127 -16.91 -28.09 11.80
N GLY B 128 -17.43 -27.59 10.68
CA GLY B 128 -16.64 -26.75 9.75
C GLY B 128 -16.61 -25.33 10.30
N SER B 129 -15.61 -24.56 9.85
CA SER B 129 -15.42 -23.17 10.27
C SER B 129 -16.59 -22.26 9.87
N VAL B 130 -16.83 -21.22 10.69
CA VAL B 130 -17.58 -20.05 10.24
C VAL B 130 -16.60 -18.87 10.21
N VAL B 131 -16.44 -18.27 9.05
CA VAL B 131 -15.47 -17.20 8.90
C VAL B 131 -16.18 -15.98 8.33
N SER B 132 -15.99 -14.82 8.96
CA SER B 132 -16.58 -13.58 8.48
C SER B 132 -15.82 -13.14 7.26
N ALA B 133 -16.58 -12.69 6.28
CA ALA B 133 -16.00 -12.30 5.01
C ALA B 133 -16.90 -11.28 4.37
N CYS B 134 -16.34 -10.55 3.42
CA CYS B 134 -17.15 -9.62 2.64
C CYS B 134 -16.85 -9.78 1.15
N PRO B 135 -17.83 -9.42 0.30
CA PRO B 135 -17.53 -9.42 -1.14
C PRO B 135 -16.50 -8.37 -1.47
N MET B 136 -15.86 -8.52 -2.62
CA MET B 136 -14.80 -7.59 -2.99
C MET B 136 -15.17 -6.61 -4.09
N GLU B 137 -14.73 -5.37 -3.93
CA GLU B 137 -14.99 -4.34 -4.94
C GLU B 137 -14.16 -4.58 -6.17
N HIS B 138 -13.02 -5.25 -6.03
CA HIS B 138 -12.06 -5.48 -7.11
C HIS B 138 -11.62 -6.92 -7.07
N HIS B 139 -11.73 -7.59 -8.20
CA HIS B 139 -11.56 -9.04 -8.26
C HIS B 139 -10.09 -9.42 -8.16
N PRO B 140 -9.75 -10.31 -7.24
CA PRO B 140 -8.35 -10.59 -7.00
C PRO B 140 -7.64 -11.37 -8.09
N LEU B 141 -8.38 -12.00 -8.97
CA LEU B 141 -7.79 -12.53 -10.20
C LEU B 141 -7.28 -11.46 -11.14
N LYS B 142 -7.81 -10.26 -11.01
CA LYS B 142 -7.37 -9.15 -11.87
C LYS B 142 -6.22 -8.42 -11.21
N THR B 143 -5.13 -9.14 -10.96
CA THR B 143 -4.01 -8.62 -10.21
C THR B 143 -2.73 -9.17 -10.76
N LEU B 144 -1.65 -8.46 -10.47
CA LEU B 144 -0.31 -8.89 -10.81
C LEU B 144 0.47 -9.12 -9.52
N LEU B 145 1.29 -10.17 -9.50
CA LEU B 145 2.23 -10.40 -8.40
C LEU B 145 3.68 -10.28 -8.85
N GLN B 146 4.50 -9.65 -8.01
CA GLN B 146 5.96 -9.53 -8.19
C GLN B 146 6.58 -10.92 -8.12
N ILE B 147 7.30 -11.33 -9.16
CA ILE B 147 8.07 -12.60 -9.13
C ILE B 147 9.58 -12.38 -9.03
N ASN B 148 10.14 -11.45 -9.82
CA ASN B 148 11.54 -11.05 -9.68
C ASN B 148 11.57 -9.54 -9.73
N ASN B 149 12.39 -8.92 -8.89
CA ASN B 149 13.02 -7.56 -9.24
C ASN B 149 12.15 -6.55 -10.09
N GLY B 150 11.96 -6.86 -11.39
CA GLY B 150 11.11 -6.06 -12.32
C GLY B 150 10.08 -6.82 -13.17
N GLU B 151 9.81 -8.08 -12.82
CA GLU B 151 8.75 -8.90 -13.44
C GLU B 151 7.45 -9.17 -12.67
N TYR B 152 6.31 -8.97 -13.34
CA TYR B 152 5.00 -9.10 -12.74
C TYR B 152 4.23 -10.15 -13.48
N ALA B 153 3.66 -11.09 -12.76
CA ALA B 153 2.94 -12.15 -13.38
C ALA B 153 1.49 -11.99 -13.02
N PRO B 154 0.57 -12.39 -13.92
CA PRO B 154 -0.83 -12.41 -13.54
C PRO B 154 -1.13 -13.42 -12.41
N MET B 155 -2.18 -13.19 -11.65
CA MET B 155 -2.50 -14.06 -10.53
C MET B 155 -2.66 -15.48 -11.06
N ARG B 156 -3.49 -15.60 -12.08
CA ARG B 156 -3.75 -16.90 -12.72
CA ARG B 156 -3.78 -16.89 -12.70
C ARG B 156 -3.48 -16.72 -14.19
N HIS B 157 -4.42 -16.17 -14.95
CA HIS B 157 -4.22 -15.99 -16.42
C HIS B 157 -4.16 -14.54 -16.80
N LEU B 158 -3.43 -14.27 -17.86
CA LEU B 158 -3.35 -12.94 -18.47
C LEU B 158 -4.74 -12.54 -18.95
N SER B 159 -5.50 -13.51 -19.44
CA SER B 159 -6.85 -13.27 -19.93
C SER B 159 -7.80 -12.85 -18.83
N ASP B 160 -7.59 -13.34 -17.61
CA ASP B 160 -8.42 -12.96 -16.47
C ASP B 160 -8.37 -11.46 -16.21
N LEU B 161 -7.23 -10.82 -16.50
CA LEU B 161 -7.07 -9.39 -16.31
C LEU B 161 -8.10 -8.60 -17.11
N GLU B 162 -8.44 -9.10 -18.29
CA GLU B 162 -9.37 -8.43 -19.18
C GLU B 162 -10.78 -9.03 -19.20
N GLN B 163 -11.04 -10.04 -18.38
CA GLN B 163 -12.36 -10.69 -18.38
C GLN B 163 -13.40 -9.77 -17.79
N PRO B 164 -14.58 -9.75 -18.38
CA PRO B 164 -15.65 -9.05 -17.69
C PRO B 164 -15.81 -9.62 -16.29
N ARG B 165 -15.99 -8.75 -15.30
CA ARG B 165 -16.15 -9.15 -13.87
C ARG B 165 -16.99 -10.40 -13.67
N GLN B 166 -18.17 -10.41 -14.28
CA GLN B 166 -19.17 -11.46 -14.02
C GLN B 166 -18.81 -12.84 -14.56
N GLN B 167 -17.90 -12.91 -15.54
CA GLN B 167 -17.42 -14.19 -16.07
C GLN B 167 -16.50 -14.90 -15.07
N LEU B 168 -16.02 -14.20 -14.05
CA LEU B 168 -15.04 -14.77 -13.13
C LEU B 168 -15.74 -15.42 -11.95
N PRO B 169 -15.09 -16.42 -11.34
CA PRO B 169 -15.65 -16.99 -10.10
C PRO B 169 -15.88 -15.94 -9.03
N GLN B 170 -16.93 -16.08 -8.25
CA GLN B 170 -17.21 -15.09 -7.21
C GLN B 170 -16.11 -15.11 -6.14
N ALA B 171 -15.72 -13.94 -5.67
CA ALA B 171 -14.61 -13.81 -4.75
C ALA B 171 -15.06 -13.16 -3.44
N PHE B 172 -14.55 -13.68 -2.33
CA PHE B 172 -14.83 -13.16 -0.99
C PHE B 172 -13.53 -12.99 -0.24
N ARG B 173 -13.42 -11.90 0.51
CA ARG B 173 -12.26 -11.63 1.37
C ARG B 173 -12.66 -11.94 2.81
N PRO B 174 -12.01 -12.95 3.43
CA PRO B 174 -12.12 -13.09 4.89
C PRO B 174 -11.62 -11.82 5.54
N ASN B 175 -12.43 -11.24 6.42
CA ASN B 175 -12.19 -9.86 6.82
C ASN B 175 -11.45 -9.70 8.13
N GLY B 176 -11.15 -10.82 8.81
CA GLY B 176 -10.41 -10.81 10.06
C GLY B 176 -11.27 -10.71 11.30
N ALA B 177 -12.54 -10.36 11.14
CA ALA B 177 -13.38 -10.05 12.29
C ALA B 177 -13.74 -11.26 13.14
N ILE B 178 -14.18 -12.33 12.51
CA ILE B 178 -14.69 -13.53 13.23
C ILE B 178 -14.18 -14.83 12.58
N TYR B 179 -13.65 -15.73 13.40
CA TYR B 179 -13.34 -17.07 12.94
C TYR B 179 -13.78 -18.02 14.02
N ILE B 180 -14.86 -18.74 13.75
CA ILE B 180 -15.41 -19.70 14.72
C ILE B 180 -14.99 -21.11 14.30
N ASN B 181 -14.50 -21.91 15.25
CA ASN B 181 -14.16 -23.30 14.99
C ASN B 181 -14.47 -24.18 16.15
N ASP B 182 -14.68 -25.46 15.85
CA ASP B 182 -14.67 -26.50 16.88
C ASP B 182 -13.25 -26.60 17.38
N THR B 183 -13.11 -26.53 18.69
CA THR B 183 -11.79 -26.47 19.32
C THR B 183 -10.87 -27.63 18.96
N ALA B 184 -11.36 -28.86 19.09
CA ALA B 184 -10.56 -30.05 18.77
C ALA B 184 -10.17 -30.06 17.31
N SER B 185 -11.07 -29.59 16.44
CA SER B 185 -10.77 -29.53 15.01
C SER B 185 -9.70 -28.48 14.75
N LEU B 186 -9.80 -27.33 15.44
CA LEU B 186 -8.78 -26.31 15.27
C LEU B 186 -7.41 -26.84 15.66
N ILE B 187 -7.35 -27.46 16.84
CA ILE B 187 -6.13 -28.08 17.33
C ILE B 187 -5.61 -29.11 16.33
N ALA B 188 -6.49 -29.97 15.80
CA ALA B 188 -6.09 -31.03 14.84
C ALA B 188 -5.58 -30.49 13.51
N ASN B 189 -6.28 -29.50 12.95
CA ASN B 189 -5.91 -28.95 11.65
C ASN B 189 -4.85 -27.86 11.69
N ASN B 190 -4.69 -27.23 12.86
CA ASN B 190 -3.74 -26.15 13.07
C ASN B 190 -3.94 -25.03 12.06
N CYS B 191 -5.20 -24.70 11.81
CA CYS B 191 -5.59 -23.57 10.97
C CYS B 191 -7.05 -23.18 11.29
N PHE B 192 -7.49 -22.06 10.71
CA PHE B 192 -8.80 -21.47 11.00
C PHE B 192 -9.85 -21.78 9.96
N PHE B 193 -9.42 -22.34 8.83
CA PHE B 193 -10.28 -22.68 7.69
C PHE B 193 -10.35 -24.20 7.57
N ILE B 194 -11.48 -24.74 7.99
CA ILE B 194 -11.67 -26.17 8.13
C ILE B 194 -12.97 -26.54 7.41
N ALA B 195 -12.88 -27.54 6.54
CA ALA B 195 -14.02 -27.94 5.71
C ALA B 195 -15.10 -28.61 6.54
N PRO B 196 -16.37 -28.41 6.21
CA PRO B 196 -16.86 -27.48 5.18
C PRO B 196 -17.07 -26.09 5.78
N THR B 197 -16.35 -25.11 5.22
CA THR B 197 -16.38 -23.76 5.73
C THR B 197 -17.62 -22.98 5.25
N LYS B 198 -18.34 -22.39 6.20
CA LYS B 198 -19.37 -21.42 5.90
C LYS B 198 -18.84 -20.00 6.07
N LEU B 199 -19.29 -19.12 5.19
CA LEU B 199 -18.98 -17.72 5.31
C LEU B 199 -20.13 -16.94 5.94
N TYR B 200 -19.75 -16.04 6.83
CA TYR B 200 -20.67 -15.10 7.41
C TYR B 200 -20.40 -13.78 6.72
N ILE B 201 -21.34 -13.32 5.90
CA ILE B 201 -21.16 -12.12 5.11
C ILE B 201 -21.41 -10.87 5.93
N MET B 202 -20.47 -9.95 5.84
CA MET B 202 -20.59 -8.63 6.41
C MET B 202 -20.44 -7.62 5.25
N SER B 203 -21.02 -6.45 5.41
CA SER B 203 -20.80 -5.39 4.44
C SER B 203 -19.31 -5.00 4.41
N HIS B 204 -18.86 -4.57 3.24
CA HIS B 204 -17.52 -4.02 3.06
C HIS B 204 -17.27 -2.92 4.11
N GLN B 205 -18.31 -2.16 4.39
CA GLN B 205 -18.24 -1.12 5.41
C GLN B 205 -17.94 -1.66 6.82
N ASP B 206 -18.79 -2.57 7.31
CA ASP B 206 -18.59 -3.22 8.61
C ASP B 206 -17.31 -4.10 8.69
N SER B 207 -16.72 -4.45 7.53
CA SER B 207 -15.50 -5.21 7.43
C SER B 207 -14.22 -4.35 7.48
N ILE B 208 -14.36 -3.06 7.79
CA ILE B 208 -13.20 -2.16 7.76
C ILE B 208 -12.21 -2.63 8.79
N ASP B 209 -10.94 -2.63 8.43
CA ASP B 209 -9.89 -3.00 9.36
C ASP B 209 -8.85 -1.90 9.45
N ILE B 210 -8.13 -1.88 10.56
CA ILE B 210 -7.26 -0.78 10.90
C ILE B 210 -5.81 -1.15 10.65
N ASP B 211 -5.22 -0.53 9.63
CA ASP B 211 -3.76 -0.52 9.44
C ASP B 211 -3.18 0.86 9.75
N THR B 212 -4.00 1.91 9.58
CA THR B 212 -3.53 3.29 9.61
C THR B 212 -4.42 4.23 10.41
N GLU B 213 -3.88 5.42 10.63
CA GLU B 213 -4.63 6.53 11.24
C GLU B 213 -5.89 6.93 10.43
N LEU B 214 -5.79 6.87 9.10
CA LEU B 214 -6.92 7.14 8.21
C LEU B 214 -8.05 6.14 8.39
N ASP B 215 -7.69 4.85 8.36
CA ASP B 215 -8.64 3.76 8.61
C ASP B 215 -9.45 4.02 9.90
N LEU B 216 -8.77 4.53 10.91
CA LEU B 216 -9.33 4.83 12.21
C LEU B 216 -10.33 5.98 12.12
N GLN B 217 -9.90 7.05 11.45
CA GLN B 217 -10.75 8.21 11.08
C GLN B 217 -12.03 7.75 10.37
N GLN B 218 -11.83 6.92 9.35
CA GLN B 218 -12.92 6.46 8.48
C GLN B 218 -13.93 5.57 9.17
N ALA B 219 -13.44 4.68 10.04
CA ALA B 219 -14.28 3.86 10.90
C ALA B 219 -15.12 4.72 11.82
N GLU B 220 -14.52 5.79 12.31
CA GLU B 220 -15.20 6.75 13.18
C GLU B 220 -16.35 7.46 12.45
N ASN B 221 -16.13 7.83 11.17
CA ASN B 221 -17.20 8.42 10.29
C ASN B 221 -18.34 7.45 10.08
N ILE B 222 -17.95 6.22 9.73
CA ILE B 222 -18.92 5.16 9.55
C ILE B 222 -19.73 5.00 10.85
N LEU B 223 -19.08 4.78 12.00
CA LEU B 223 -19.82 4.54 13.24
C LEU B 223 -20.88 5.63 13.47
N ASN B 224 -20.53 6.89 13.21
CA ASN B 224 -21.47 8.01 13.42
C ASN B 224 -22.44 8.13 12.23
N HIS B 225 -23.46 7.23 12.22
CA HIS B 225 -24.56 7.21 11.21
C HIS B 225 -25.76 6.48 11.81
N MET C 1 44.53 9.48 -9.60
CA MET C 1 43.94 9.03 -8.29
C MET C 1 42.82 10.01 -8.01
N GLU C 2 41.66 9.75 -8.63
CA GLU C 2 40.53 10.67 -8.58
C GLU C 2 39.75 10.69 -7.22
N LYS C 3 39.09 11.81 -6.94
CA LYS C 3 38.14 11.99 -5.88
C LYS C 3 36.81 12.29 -6.56
N GLN C 4 35.75 11.67 -6.09
CA GLN C 4 34.40 11.92 -6.59
C GLN C 4 33.42 12.18 -5.43
N ASN C 5 32.54 13.16 -5.63
CA ASN C 5 31.46 13.41 -4.69
C ASN C 5 30.22 12.65 -5.14
N ILE C 6 29.89 11.59 -4.40
CA ILE C 6 28.77 10.72 -4.70
C ILE C 6 27.59 11.06 -3.81
N ALA C 7 26.41 11.16 -4.41
CA ALA C 7 25.14 11.10 -3.64
C ALA C 7 24.54 9.71 -3.78
N VAL C 8 24.27 9.08 -2.65
CA VAL C 8 23.59 7.80 -2.62
C VAL C 8 22.25 8.01 -1.97
N ILE C 9 21.21 7.61 -2.68
CA ILE C 9 19.85 7.68 -2.22
C ILE C 9 19.42 6.24 -2.08
N LEU C 10 19.34 5.73 -0.85
CA LEU C 10 18.74 4.42 -0.62
C LEU C 10 17.22 4.50 -0.66
N ALA C 11 16.61 3.73 -1.55
CA ALA C 11 15.15 3.70 -1.75
C ALA C 11 14.64 2.28 -2.03
N ARG C 12 14.49 1.48 -0.98
CA ARG C 12 13.92 0.13 -1.10
C ARG C 12 12.48 0.23 -1.62
N GLN C 13 12.02 -0.82 -2.31
CA GLN C 13 10.68 -0.81 -2.91
C GLN C 13 9.62 -1.27 -1.95
N ASN C 14 9.91 -2.35 -1.23
CA ASN C 14 8.92 -2.98 -0.41
C ASN C 14 9.02 -2.40 1.00
N SER C 15 8.37 -1.25 1.16
CA SER C 15 8.33 -0.55 2.44
C SER C 15 7.15 -1.03 3.26
N LYS C 16 7.36 -1.25 4.57
CA LYS C 16 6.31 -1.87 5.47
C LYS C 16 5.38 -0.86 6.23
N GLY C 17 5.92 0.28 6.63
CA GLY C 17 5.10 1.33 7.24
C GLY C 17 3.95 1.81 6.33
N LEU C 18 4.27 2.04 5.06
CA LEU C 18 3.35 2.54 4.05
C LEU C 18 3.71 1.90 2.70
N PRO C 19 2.74 1.25 2.00
CA PRO C 19 3.13 0.61 0.73
C PRO C 19 3.77 1.55 -0.29
N LEU C 20 4.84 1.09 -0.92
CA LEU C 20 5.60 1.85 -1.95
C LEU C 20 5.91 3.29 -1.53
N LYS C 21 6.37 3.45 -0.29
CA LYS C 21 6.53 4.74 0.33
C LYS C 21 7.37 5.67 -0.54
N ASN C 22 8.52 5.17 -0.98
CA ASN C 22 9.45 5.99 -1.73
C ASN C 22 8.93 6.50 -3.07
N LEU C 23 7.86 5.90 -3.59
CA LEU C 23 7.20 6.36 -4.82
C LEU C 23 5.97 7.23 -4.58
N ARG C 24 5.55 7.37 -3.33
CA ARG C 24 4.40 8.20 -3.03
C ARG C 24 4.58 9.64 -3.45
N LYS C 25 3.58 10.16 -4.11
CA LYS C 25 3.59 11.53 -4.58
C LYS C 25 3.29 12.53 -3.46
N MET C 26 3.96 13.67 -3.54
CA MET C 26 3.77 14.79 -2.66
C MET C 26 3.89 16.03 -3.56
N ASN C 27 2.79 16.74 -3.74
CA ASN C 27 2.69 17.78 -4.77
C ASN C 27 3.21 17.33 -6.12
N GLY C 28 2.67 16.19 -6.57
CA GLY C 28 2.82 15.76 -7.96
C GLY C 28 4.07 15.00 -8.27
N ILE C 29 5.01 14.93 -7.30
CA ILE C 29 6.32 14.33 -7.51
C ILE C 29 6.59 13.33 -6.40
N SER C 30 7.26 12.23 -6.75
CA SER C 30 7.52 11.16 -5.80
C SER C 30 8.52 11.60 -4.75
N LEU C 31 8.43 11.01 -3.56
CA LEU C 31 9.47 11.19 -2.56
C LEU C 31 10.85 11.01 -3.18
N LEU C 32 11.01 9.96 -3.99
CA LEU C 32 12.26 9.71 -4.69
C LEU C 32 12.64 10.88 -5.54
N GLY C 33 11.68 11.37 -6.34
CA GLY C 33 11.89 12.52 -7.20
C GLY C 33 12.28 13.81 -6.48
N HIS C 34 11.71 14.02 -5.30
CA HIS C 34 12.07 15.19 -4.53
C HIS C 34 13.53 15.18 -4.10
N THR C 35 13.96 14.08 -3.52
CA THR C 35 15.35 13.97 -3.09
C THR C 35 16.34 13.99 -4.29
N ILE C 36 15.99 13.36 -5.41
CA ILE C 36 16.80 13.46 -6.63
C ILE C 36 16.93 14.91 -7.12
N ASN C 37 15.82 15.63 -7.18
CA ASN C 37 15.84 17.02 -7.60
C ASN C 37 16.69 17.85 -6.65
N ALA C 38 16.61 17.54 -5.36
CA ALA C 38 17.47 18.18 -4.37
C ALA C 38 18.96 17.89 -4.63
N ALA C 39 19.30 16.62 -4.90
CA ALA C 39 20.67 16.29 -5.23
C ALA C 39 21.15 17.00 -6.51
N ILE C 40 20.35 16.89 -7.58
CA ILE C 40 20.65 17.55 -8.86
C ILE C 40 20.81 19.04 -8.65
N SER C 41 19.81 19.68 -8.06
CA SER C 41 19.82 21.13 -7.97
C SER C 41 20.88 21.63 -7.04
N SER C 42 21.34 20.81 -6.08
CA SER C 42 22.46 21.23 -5.21
C SER C 42 23.74 21.49 -5.98
N LYS C 43 23.95 20.78 -7.10
CA LYS C 43 25.17 20.85 -7.90
C LYS C 43 26.43 20.45 -7.10
N CYS C 44 26.30 19.70 -6.01
CA CYS C 44 27.46 19.28 -5.23
C CYS C 44 28.02 17.94 -5.67
N PHE C 45 27.31 17.21 -6.53
CA PHE C 45 27.65 15.82 -6.78
C PHE C 45 28.13 15.57 -8.18
N ASP C 46 29.18 14.74 -8.29
CA ASP C 46 29.68 14.28 -9.57
C ASP C 46 28.74 13.17 -10.11
N ARG C 47 28.25 12.31 -9.21
CA ARG C 47 27.33 11.21 -9.55
C ARG C 47 26.23 11.09 -8.52
N ILE C 48 25.05 10.74 -8.98
CA ILE C 48 23.88 10.51 -8.12
C ILE C 48 23.36 9.09 -8.39
N ILE C 49 23.43 8.25 -7.37
CA ILE C 49 23.05 6.86 -7.47
C ILE C 49 21.80 6.69 -6.63
N VAL C 50 20.81 6.03 -7.18
CA VAL C 50 19.69 5.52 -6.42
C VAL C 50 19.92 4.03 -6.29
N SER C 51 19.86 3.52 -5.08
CA SER C 51 20.10 2.11 -4.79
C SER C 51 18.77 1.54 -4.39
N THR C 52 18.34 0.50 -5.08
CA THR C 52 17.06 -0.13 -4.81
C THR C 52 17.05 -1.62 -5.19
N ASP C 53 16.12 -2.35 -4.60
CA ASP C 53 15.85 -3.73 -4.94
C ASP C 53 14.74 -3.84 -5.98
N GLY C 54 14.12 -2.73 -6.35
CA GLY C 54 12.90 -2.80 -7.13
C GLY C 54 12.88 -2.03 -8.42
N GLY C 55 12.33 -2.66 -9.45
CA GLY C 55 12.27 -2.10 -10.78
C GLY C 55 11.37 -0.88 -10.90
N LEU C 56 10.34 -0.79 -10.04
CA LEU C 56 9.47 0.41 -10.07
C LEU C 56 10.25 1.63 -9.63
N ILE C 57 11.08 1.42 -8.60
CA ILE C 57 11.96 2.44 -8.08
C ILE C 57 13.07 2.72 -9.10
N ALA C 58 13.71 1.68 -9.60
CA ALA C 58 14.74 1.85 -10.65
C ALA C 58 14.21 2.66 -11.82
N GLU C 59 12.97 2.37 -12.23
CA GLU C 59 12.38 3.05 -13.37
C GLU C 59 12.16 4.52 -13.13
N GLU C 60 11.70 4.87 -11.92
CA GLU C 60 11.57 6.26 -11.53
C GLU C 60 12.92 6.97 -11.49
N ALA C 61 13.94 6.33 -10.94
CA ALA C 61 15.32 6.89 -10.94
C ALA C 61 15.80 7.24 -12.35
N LYS C 62 15.67 6.28 -13.28
CA LYS C 62 16.03 6.47 -14.70
C LYS C 62 15.31 7.63 -15.36
N ASN C 63 14.03 7.82 -15.07
CA ASN C 63 13.29 8.95 -15.64
C ASN C 63 13.76 10.28 -15.12
N PHE C 64 14.37 10.33 -13.92
CA PHE C 64 14.95 11.58 -13.41
C PHE C 64 16.39 11.80 -13.91
N GLY C 65 16.92 10.83 -14.63
CA GLY C 65 18.20 10.95 -15.29
C GLY C 65 19.39 10.51 -14.45
N VAL C 66 19.18 9.71 -13.42
CA VAL C 66 20.24 9.36 -12.48
C VAL C 66 20.54 7.87 -12.56
N GLU C 67 21.72 7.49 -12.08
CA GLU C 67 22.14 6.10 -12.08
C GLU C 67 21.42 5.27 -11.04
N VAL C 68 21.39 3.96 -11.30
CA VAL C 68 20.73 3.01 -10.44
C VAL C 68 21.70 1.89 -10.07
N VAL C 69 21.69 1.51 -8.79
CA VAL C 69 22.35 0.29 -8.35
C VAL C 69 21.27 -0.66 -7.83
N LEU C 70 21.32 -1.91 -8.25
CA LEU C 70 20.35 -2.92 -7.84
C LEU C 70 20.88 -3.62 -6.63
N ARG C 71 20.09 -3.63 -5.58
CA ARG C 71 20.49 -4.24 -4.33
C ARG C 71 19.95 -5.64 -4.26
N PRO C 72 20.77 -6.59 -3.79
CA PRO C 72 20.20 -7.90 -3.47
C PRO C 72 19.29 -7.80 -2.26
N ALA C 73 18.28 -8.67 -2.21
CA ALA C 73 17.25 -8.63 -1.16
C ALA C 73 17.78 -8.50 0.26
N GLU C 74 18.89 -9.18 0.57
CA GLU C 74 19.47 -9.13 1.92
C GLU C 74 19.81 -7.71 2.36
N LEU C 75 20.27 -6.88 1.43
CA LEU C 75 20.59 -5.47 1.71
C LEU C 75 19.41 -4.51 1.70
N ALA C 76 18.21 -5.04 1.37
CA ALA C 76 16.96 -4.27 1.36
C ALA C 76 15.91 -4.73 2.34
N SER C 77 16.22 -5.75 3.15
CA SER C 77 15.30 -6.26 4.14
C SER C 77 15.10 -5.27 5.29
N ASP C 78 14.08 -5.51 6.10
CA ASP C 78 13.73 -4.60 7.18
C ASP C 78 14.82 -4.48 8.25
N THR C 79 15.65 -5.52 8.41
CA THR C 79 16.81 -5.44 9.31
C THR C 79 18.08 -4.88 8.73
N ALA C 80 18.16 -4.66 7.43
CA ALA C 80 19.36 -4.09 6.82
C ALA C 80 19.62 -2.61 7.18
N SER C 81 20.88 -2.34 7.48
CA SER C 81 21.34 -1.02 7.87
C SER C 81 21.52 -0.24 6.59
N SER C 82 21.40 1.07 6.70
CA SER C 82 21.70 1.97 5.59
C SER C 82 23.17 1.88 5.16
N ILE C 83 24.07 1.75 6.13
CA ILE C 83 25.50 1.68 5.81
C ILE C 83 25.84 0.59 4.81
N SER C 84 25.26 -0.61 4.97
CA SER C 84 25.55 -1.73 4.09
C SER C 84 25.13 -1.44 2.63
N GLY C 85 24.04 -0.68 2.46
CA GLY C 85 23.56 -0.30 1.15
C GLY C 85 24.44 0.72 0.46
N VAL C 86 24.92 1.69 1.25
CA VAL C 86 25.76 2.77 0.75
C VAL C 86 27.12 2.22 0.36
N ILE C 87 27.68 1.34 1.19
CA ILE C 87 28.94 0.68 0.88
C ILE C 87 28.78 -0.16 -0.39
N HIS C 88 27.70 -0.95 -0.46
CA HIS C 88 27.42 -1.75 -1.64
C HIS C 88 27.37 -0.90 -2.91
N ALA C 89 26.75 0.27 -2.81
CA ALA C 89 26.65 1.21 -3.93
C ALA C 89 27.98 1.77 -4.29
N LEU C 90 28.77 2.10 -3.29
CA LEU C 90 30.12 2.59 -3.55
C LEU C 90 30.98 1.55 -4.25
N GLU C 91 30.88 0.30 -3.82
CA GLU C 91 31.64 -0.79 -4.44
C GLU C 91 31.23 -1.01 -5.89
N THR C 92 29.94 -0.86 -6.18
CA THR C 92 29.39 -1.12 -7.50
C THR C 92 29.84 -0.12 -8.52
N ILE C 93 29.83 1.15 -8.18
CA ILE C 93 30.32 2.21 -9.08
C ILE C 93 31.84 2.39 -9.02
N GLY C 94 32.49 1.76 -8.06
CA GLY C 94 33.94 1.79 -7.95
C GLY C 94 34.51 3.11 -7.45
N SER C 95 33.82 3.72 -6.46
CA SER C 95 34.34 4.88 -5.73
C SER C 95 34.71 4.53 -4.31
N ASN C 96 35.93 4.92 -3.91
CA ASN C 96 36.38 4.80 -2.51
C ASN C 96 37.16 6.04 -2.03
N SER C 97 36.95 7.14 -2.73
CA SER C 97 37.77 8.34 -2.52
C SER C 97 36.96 9.55 -2.95
N GLY C 98 36.89 10.52 -2.03
CA GLY C 98 36.13 11.77 -2.21
C GLY C 98 35.15 11.93 -1.08
N THR C 99 33.89 12.18 -1.41
CA THR C 99 32.82 12.24 -0.42
C THR C 99 31.61 11.45 -0.85
N VAL C 100 30.91 10.90 0.13
CA VAL C 100 29.67 10.19 -0.10
C VAL C 100 28.60 10.79 0.79
N THR C 101 27.47 11.15 0.19
CA THR C 101 26.34 11.75 0.91
C THR C 101 25.11 10.85 0.81
N LEU C 102 24.56 10.47 1.95
CA LEU C 102 23.30 9.76 2.00
C LEU C 102 22.16 10.76 2.05
N LEU C 103 21.20 10.59 1.14
CA LEU C 103 20.02 11.46 1.06
C LEU C 103 18.83 10.58 1.10
N GLN C 104 18.12 10.57 2.23
CA GLN C 104 16.98 9.67 2.39
C GLN C 104 15.71 10.26 1.77
N PRO C 105 14.99 9.49 0.92
CA PRO C 105 13.78 10.02 0.27
C PRO C 105 12.64 10.37 1.23
N THR C 106 12.73 9.87 2.45
CA THR C 106 11.80 10.19 3.52
C THR C 106 11.88 11.62 4.00
N SER C 107 12.83 12.42 3.52
CA SER C 107 12.93 13.83 3.86
C SER C 107 12.67 14.76 2.65
N PRO C 108 11.43 14.83 2.20
CA PRO C 108 11.09 15.57 1.01
C PRO C 108 11.32 17.06 1.05
N LEU C 109 11.36 17.66 2.25
CA LEU C 109 11.51 19.13 2.34
C LEU C 109 12.95 19.56 2.45
N ARG C 110 13.88 18.60 2.43
CA ARG C 110 15.29 18.91 2.29
C ARG C 110 15.58 19.19 0.82
N THR C 111 16.25 20.30 0.55
CA THR C 111 16.34 20.91 -0.78
C THR C 111 17.81 20.92 -1.21
N GLY C 112 18.05 21.35 -2.45
CA GLY C 112 19.41 21.58 -2.92
C GLY C 112 20.14 22.62 -2.10
N ALA C 113 19.43 23.67 -1.69
CA ALA C 113 20.05 24.68 -0.83
C ALA C 113 20.52 24.11 0.50
N HIS C 114 19.73 23.19 1.06
CA HIS C 114 20.11 22.53 2.33
C HIS C 114 21.37 21.73 2.18
N ILE C 115 21.45 21.02 1.05
CA ILE C 115 22.61 20.20 0.72
C ILE C 115 23.85 21.08 0.58
N ARG C 116 23.75 22.13 -0.23
CA ARG C 116 24.83 23.12 -0.40
C ARG C 116 25.31 23.68 0.96
N GLU C 117 24.37 24.09 1.79
CA GLU C 117 24.71 24.62 3.10
C GLU C 117 25.40 23.59 3.95
N ALA C 118 24.87 22.37 3.95
CA ALA C 118 25.52 21.29 4.70
C ALA C 118 26.96 21.10 4.24
N PHE C 119 27.18 21.12 2.91
CA PHE C 119 28.54 20.94 2.37
C PHE C 119 29.56 21.98 2.79
N SER C 120 29.10 23.21 3.00
CA SER C 120 30.00 24.28 3.44
C SER C 120 30.52 24.06 4.87
N LEU C 121 29.89 23.16 5.63
CA LEU C 121 30.40 22.73 6.93
C LEU C 121 31.40 21.59 6.88
N PHE C 122 31.47 20.86 5.77
CA PHE C 122 32.35 19.72 5.69
C PHE C 122 33.76 20.21 5.50
N ASP C 123 34.72 19.60 6.19
CA ASP C 123 36.13 20.01 6.16
C ASP C 123 36.99 18.91 5.51
N GLU C 124 37.54 19.19 4.32
CA GLU C 124 38.40 18.23 3.57
C GLU C 124 39.57 17.69 4.38
N LYS C 125 40.15 18.50 5.26
CA LYS C 125 41.34 18.12 6.04
C LYS C 125 40.99 17.24 7.22
N ILE C 126 39.97 17.64 7.99
CA ILE C 126 39.59 16.94 9.23
C ILE C 126 38.70 15.72 8.99
N LYS C 127 37.81 15.81 7.99
CA LYS C 127 37.04 14.66 7.47
C LYS C 127 36.04 14.02 8.45
N GLY C 128 35.52 14.82 9.38
CA GLY C 128 34.42 14.38 10.22
C GLY C 128 33.11 14.55 9.45
N SER C 129 32.07 13.84 9.91
CA SER C 129 30.73 13.86 9.28
C SER C 129 30.05 15.22 9.37
N VAL C 130 29.20 15.52 8.38
CA VAL C 130 28.20 16.56 8.52
C VAL C 130 26.84 15.86 8.48
N VAL C 131 26.06 16.02 9.52
CA VAL C 131 24.79 15.33 9.63
C VAL C 131 23.71 16.36 9.87
N SER C 132 22.64 16.30 9.08
CA SER C 132 21.52 17.20 9.28
C SER C 132 20.78 16.76 10.53
N ALA C 133 20.37 17.75 11.31
CA ALA C 133 19.68 17.50 12.56
C ALA C 133 18.81 18.68 12.91
N CYS C 134 17.85 18.45 13.76
CA CYS C 134 17.01 19.54 14.22
C CYS C 134 16.86 19.49 15.73
N PRO C 135 16.54 20.63 16.35
CA PRO C 135 16.33 20.60 17.79
C PRO C 135 15.03 19.90 18.07
N MET C 136 14.86 19.42 19.29
CA MET C 136 13.68 18.63 19.60
C MET C 136 12.62 19.38 20.39
N GLU C 137 11.35 19.17 20.05
CA GLU C 137 10.25 19.77 20.80
C GLU C 137 10.10 19.17 22.18
N HIS C 138 10.55 17.92 22.38
CA HIS C 138 10.44 17.24 23.67
C HIS C 138 11.75 16.53 23.95
N HIS C 139 12.27 16.70 25.14
CA HIS C 139 13.60 16.25 25.47
C HIS C 139 13.67 14.74 25.67
N PRO C 140 14.59 14.08 24.96
CA PRO C 140 14.60 12.61 24.96
C PRO C 140 15.06 11.95 26.27
N LEU C 141 15.72 12.71 27.14
CA LEU C 141 15.95 12.26 28.51
C LEU C 141 14.67 12.12 29.30
N LYS C 142 13.63 12.84 28.91
CA LYS C 142 12.34 12.75 29.58
C LYS C 142 11.49 11.66 28.97
N THR C 143 11.98 10.42 29.02
CA THR C 143 11.33 9.30 28.36
C THR C 143 11.55 8.04 29.15
N LEU C 144 10.69 7.06 28.89
CA LEU C 144 10.78 5.75 29.51
C LEU C 144 10.96 4.70 28.41
N LEU C 145 11.77 3.69 28.69
CA LEU C 145 11.96 2.54 27.80
C LEU C 145 11.45 1.25 28.43
N GLN C 146 10.75 0.45 27.63
CA GLN C 146 10.26 -0.88 28.01
C GLN C 146 11.46 -1.77 28.25
N ILE C 147 11.53 -2.37 29.45
CA ILE C 147 12.56 -3.40 29.76
C ILE C 147 12.01 -4.85 29.90
N ASN C 148 10.93 -5.04 30.68
CA ASN C 148 10.29 -6.36 30.90
C ASN C 148 8.85 -6.18 30.53
N ASN C 149 8.23 -7.23 29.95
CA ASN C 149 6.77 -7.32 29.59
C ASN C 149 5.81 -6.18 30.06
N GLY C 150 5.92 -5.74 31.34
CA GLY C 150 5.15 -4.62 31.91
C GLY C 150 5.91 -3.54 32.73
N GLU C 151 7.27 -3.52 32.71
CA GLU C 151 8.13 -2.48 33.40
C GLU C 151 8.97 -1.46 32.54
N TYR C 152 8.99 -0.21 33.01
CA TYR C 152 9.53 0.90 32.25
C TYR C 152 10.69 1.50 33.04
N ALA C 153 11.80 1.76 32.38
CA ALA C 153 12.94 2.38 33.02
C ALA C 153 13.18 3.75 32.40
N PRO C 154 13.72 4.69 33.18
CA PRO C 154 14.01 6.01 32.62
C PRO C 154 15.17 5.95 31.65
N MET C 155 15.24 6.89 30.73
CA MET C 155 16.30 6.89 29.72
C MET C 155 17.64 6.91 30.44
N ARG C 156 17.80 7.85 31.35
CA ARG C 156 19.01 8.00 32.13
C ARG C 156 18.60 7.98 33.60
N HIS C 157 18.18 9.12 34.15
CA HIS C 157 17.78 9.19 35.57
C HIS C 157 16.30 9.47 35.74
N LEU C 158 15.76 8.95 36.83
CA LEU C 158 14.38 9.18 37.21
C LEU C 158 14.20 10.68 37.45
N SER C 159 15.23 11.32 37.99
CA SER C 159 15.20 12.75 38.24
C SER C 159 15.10 13.59 36.97
N ASP C 160 15.69 13.09 35.87
CA ASP C 160 15.63 13.79 34.59
C ASP C 160 14.19 13.99 34.12
N LEU C 161 13.32 13.05 34.45
CA LEU C 161 11.93 13.11 34.04
C LEU C 161 11.26 14.35 34.54
N GLU C 162 11.65 14.79 35.73
CA GLU C 162 11.06 15.96 36.39
C GLU C 162 11.92 17.23 36.32
N GLN C 163 13.07 17.17 35.65
CA GLN C 163 13.94 18.35 35.57
C GLN C 163 13.31 19.42 34.73
N PRO C 164 13.41 20.68 35.19
CA PRO C 164 13.09 21.76 34.24
C PRO C 164 13.88 21.61 32.92
N ARG C 165 13.21 21.78 31.78
CA ARG C 165 13.81 21.61 30.45
C ARG C 165 15.22 22.16 30.36
N GLN C 166 15.40 23.41 30.81
CA GLN C 166 16.64 24.16 30.62
C GLN C 166 17.85 23.66 31.41
N GLN C 167 17.61 22.92 32.48
CA GLN C 167 18.67 22.27 33.23
C GLN C 167 19.30 21.10 32.48
N LEU C 168 18.65 20.60 31.42
CA LEU C 168 19.13 19.39 30.73
C LEU C 168 20.03 19.74 29.57
N PRO C 169 20.96 18.82 29.20
CA PRO C 169 21.86 19.07 28.08
C PRO C 169 21.06 19.31 26.82
N GLN C 170 21.55 20.18 25.93
CA GLN C 170 20.84 20.41 24.67
C GLN C 170 20.76 19.14 23.85
N ALA C 171 19.63 18.90 23.22
CA ALA C 171 19.41 17.68 22.47
C ALA C 171 19.10 17.97 21.02
N PHE C 172 19.66 17.14 20.13
CA PHE C 172 19.42 17.24 18.69
C PHE C 172 19.10 15.89 18.08
N ARG C 173 18.13 15.86 17.16
CA ARG C 173 17.72 14.64 16.45
C ARG C 173 18.31 14.71 15.05
N PRO C 174 19.20 13.77 14.70
CA PRO C 174 19.58 13.62 13.30
C PRO C 174 18.34 13.24 12.51
N ASN C 175 18.06 13.99 11.45
CA ASN C 175 16.72 13.99 10.87
C ASN C 175 16.58 13.07 9.68
N GLY C 176 17.68 12.44 9.26
CA GLY C 176 17.67 11.51 8.14
C GLY C 176 17.90 12.15 6.79
N ALA C 177 17.83 13.48 6.70
CA ALA C 177 17.87 14.19 5.42
C ALA C 177 19.24 14.13 4.74
N ILE C 178 20.31 14.42 5.52
CA ILE C 178 21.66 14.57 4.95
C ILE C 178 22.71 13.94 5.83
N TYR C 179 23.57 13.12 5.24
CA TYR C 179 24.72 12.64 5.94
C TYR C 179 25.86 12.73 4.96
N ILE C 180 26.78 13.66 5.21
CA ILE C 180 27.97 13.82 4.38
C ILE C 180 29.17 13.18 5.08
N ASN C 181 29.94 12.36 4.36
CA ASN C 181 31.20 11.81 4.89
C ASN C 181 32.30 11.74 3.86
N ASP C 182 33.55 11.77 4.32
CA ASP C 182 34.70 11.38 3.49
C ASP C 182 34.57 9.89 3.20
N THR C 183 34.61 9.54 1.92
CA THR C 183 34.31 8.20 1.49
C THR C 183 35.19 7.15 2.17
N ALA C 184 36.51 7.36 2.17
CA ALA C 184 37.44 6.39 2.76
C ALA C 184 37.19 6.25 4.25
N SER C 185 36.81 7.34 4.90
CA SER C 185 36.51 7.28 6.32
C SER C 185 35.23 6.50 6.54
N LEU C 186 34.23 6.69 5.66
CA LEU C 186 32.97 5.97 5.80
C LEU C 186 33.25 4.49 5.70
N ILE C 187 33.99 4.11 4.65
CA ILE C 187 34.37 2.75 4.43
C ILE C 187 35.13 2.19 5.64
N ALA C 188 36.09 2.95 6.16
CA ALA C 188 36.89 2.49 7.30
C ALA C 188 36.06 2.30 8.56
N ASN C 189 35.22 3.27 8.89
CA ASN C 189 34.47 3.26 10.16
C ASN C 189 33.18 2.44 10.08
N ASN C 190 32.67 2.23 8.86
CA ASN C 190 31.41 1.51 8.61
C ASN C 190 30.22 2.10 9.38
N CYS C 191 30.17 3.42 9.42
CA CYS C 191 29.07 4.16 10.00
C CYS C 191 29.07 5.60 9.43
N PHE C 192 28.02 6.35 9.77
CA PHE C 192 27.77 7.66 9.20
C PHE C 192 28.16 8.79 10.12
N PHE C 193 28.48 8.44 11.37
CA PHE C 193 28.81 9.40 12.42
C PHE C 193 30.26 9.20 12.78
N ILE C 194 31.10 10.11 12.31
CA ILE C 194 32.53 9.97 12.40
C ILE C 194 33.06 11.24 12.99
N ALA C 195 33.89 11.09 14.02
CA ALA C 195 34.41 12.25 14.76
C ALA C 195 35.43 13.01 13.94
N PRO C 196 35.50 14.34 14.08
CA PRO C 196 34.54 15.19 14.81
C PRO C 196 33.32 15.59 13.96
N THR C 197 32.14 15.20 14.42
CA THR C 197 30.92 15.41 13.69
C THR C 197 30.41 16.84 13.86
N LYS C 198 30.12 17.50 12.75
CA LYS C 198 29.37 18.73 12.75
C LYS C 198 27.88 18.50 12.41
N LEU C 199 27.02 19.29 13.04
CA LEU C 199 25.60 19.23 12.74
C LEU C 199 25.19 20.39 11.83
N TYR C 200 24.32 20.06 10.89
CA TYR C 200 23.73 21.04 10.01
C TYR C 200 22.29 21.18 10.48
N ILE C 201 21.95 22.34 11.04
CA ILE C 201 20.66 22.49 11.66
C ILE C 201 19.60 22.83 10.64
N MET C 202 18.49 22.12 10.72
CA MET C 202 17.30 22.41 9.93
C MET C 202 16.14 22.64 10.89
N SER C 203 15.13 23.39 10.45
CA SER C 203 13.94 23.53 11.24
C SER C 203 13.27 22.17 11.44
N HIS C 204 12.61 22.03 12.58
CA HIS C 204 11.73 20.90 12.84
C HIS C 204 10.72 20.69 11.67
N GLN C 205 10.24 21.80 11.11
CA GLN C 205 9.34 21.74 9.95
C GLN C 205 10.00 21.09 8.73
N ASP C 206 11.13 21.64 8.29
CA ASP C 206 11.90 21.12 7.16
C ASP C 206 12.49 19.71 7.41
N SER C 207 12.53 19.29 8.68
CA SER C 207 12.99 17.96 9.08
C SER C 207 11.89 16.88 9.09
N ILE C 208 10.71 17.20 8.56
CA ILE C 208 9.59 16.26 8.60
C ILE C 208 9.98 15.04 7.80
N ASP C 209 9.66 13.86 8.32
CA ASP C 209 9.91 12.63 7.60
C ASP C 209 8.64 11.80 7.48
N ILE C 210 8.60 10.91 6.48
CA ILE C 210 7.41 10.23 6.08
C ILE C 210 7.43 8.79 6.58
N ASP C 211 6.58 8.51 7.57
CA ASP C 211 6.23 7.14 7.95
C ASP C 211 4.80 6.81 7.50
N THR C 212 3.93 7.82 7.36
CA THR C 212 2.49 7.62 7.18
C THR C 212 1.86 8.52 6.12
N GLU C 213 0.61 8.21 5.80
CA GLU C 213 -0.22 9.03 4.92
C GLU C 213 -0.45 10.46 5.46
N LEU C 214 -0.58 10.58 6.79
CA LEU C 214 -0.70 11.89 7.45
C LEU C 214 0.54 12.73 7.26
N ASP C 215 1.71 12.14 7.54
CA ASP C 215 3.00 12.82 7.37
C ASP C 215 3.09 13.43 5.98
N LEU C 216 2.56 12.69 5.01
CA LEU C 216 2.59 13.09 3.62
C LEU C 216 1.69 14.29 3.40
N GLN C 217 0.47 14.20 3.91
CA GLN C 217 -0.47 15.33 3.85
C GLN C 217 0.11 16.57 4.50
N GLN C 218 0.74 16.39 5.66
CA GLN C 218 1.27 17.50 6.45
C GLN C 218 2.44 18.20 5.78
N ALA C 219 3.32 17.41 5.16
CA ALA C 219 4.40 17.91 4.33
C ALA C 219 3.89 18.72 3.15
N GLU C 220 2.79 18.25 2.58
CA GLU C 220 2.10 18.95 1.48
C GLU C 220 1.56 20.32 1.93
N ASN C 221 0.99 20.40 3.14
CA ASN C 221 0.52 21.68 3.71
C ASN C 221 1.68 22.62 3.91
N ILE C 222 2.74 22.10 4.52
CA ILE C 222 3.94 22.88 4.75
C ILE C 222 4.42 23.41 3.39
N LEU C 223 4.65 22.54 2.40
CA LEU C 223 5.21 23.00 1.10
C LEU C 223 4.39 24.18 0.52
N ASN C 224 3.06 24.12 0.62
CA ASN C 224 2.19 25.21 0.11
C ASN C 224 2.09 26.38 1.10
N HIS C 225 3.14 27.21 1.11
CA HIS C 225 3.25 28.44 1.94
C HIS C 225 4.25 29.35 1.23
O3P C5P D . -14.55 -2.23 -15.60
P C5P D . -15.55 -2.58 -16.71
O1P C5P D . -16.85 -3.10 -16.21
O2P C5P D . -15.08 -3.42 -17.85
O5' C5P D . -15.78 -1.18 -17.46
C5' C5P D . -14.65 -0.51 -17.99
C4' C5P D . -15.07 0.71 -18.78
O4' C5P D . -15.09 0.35 -20.15
C3' C5P D . -16.47 1.22 -18.48
O3' C5P D . -16.59 2.61 -18.73
C2' C5P D . -17.35 0.46 -19.44
O2' C5P D . -18.58 1.15 -19.71
C1' C5P D . -16.44 0.45 -20.63
N1 C5P D . -16.56 -0.71 -21.48
C2 C5P D . -16.98 -0.57 -22.80
N3 C5P D . -17.04 -1.65 -23.60
C4 C5P D . -16.66 -2.87 -23.12
C5 C5P D . -16.24 -3.01 -21.81
C6 C5P D . -16.18 -1.89 -21.00
O2 C5P D . -17.31 0.54 -23.24
N4 C5P D . -16.69 -3.98 -23.89
CL CL E . -20.66 0.06 -18.14
C1 DAN F . -1.17 -10.18 8.94
C2 DAN F . -1.98 -11.26 9.52
C3 DAN F . -1.52 -12.26 10.29
C4 DAN F . -2.51 -13.13 11.07
C5 DAN F . -3.71 -13.33 10.18
C6 DAN F . -4.32 -11.99 9.78
C7 DAN F . -5.45 -12.06 8.76
C8 DAN F . -5.96 -10.72 8.29
C9 DAN F . -7.37 -10.99 7.77
C10 DAN F . -5.50 -14.97 10.30
C11 DAN F . -6.48 -15.66 11.16
N5 DAN F . -4.71 -14.09 10.89
O1A DAN F . -1.69 -9.44 8.06
O1B DAN F . 0.00 -9.97 9.35
O4 DAN F . -1.95 -14.40 11.51
O6 DAN F . -3.37 -11.07 9.23
O7 DAN F . -5.10 -12.80 7.59
O8 DAN F . -6.01 -9.79 9.39
O9 DAN F . -7.97 -9.82 7.25
O10 DAN F . -5.45 -15.21 9.10
C1 DAN G . -15.14 -5.65 -16.44
C2 DAN G . -14.19 -5.26 -17.46
C3 DAN G . -14.27 -5.58 -18.76
C4 DAN G . -13.20 -5.13 -19.74
C5 DAN G . -11.88 -4.97 -18.96
C6 DAN G . -12.06 -4.08 -17.73
C7 DAN G . -10.88 -4.04 -16.75
C8 DAN G . -11.24 -3.33 -15.46
C9 DAN G . -10.01 -3.15 -14.58
C10 DAN G . -9.54 -4.36 -19.49
C11 DAN G . -8.69 -3.54 -20.40
N5 DAN G . -10.86 -4.29 -19.74
O1A DAN G . -16.25 -5.97 -16.81
O1B DAN G . -14.82 -5.66 -15.23
O4 DAN G . -13.14 -6.11 -20.80
O6 DAN G . -13.13 -4.47 -16.92
O7 DAN G . -10.45 -5.40 -16.51
O8 DAN G . -11.80 -2.08 -15.82
O9 DAN G . -10.38 -2.27 -13.54
O10 DAN G . -9.02 -5.00 -18.58
CAC FLC H . -7.78 -2.93 -3.35
CA FLC H . -9.26 -3.20 -3.47
CB FLC H . -9.69 -4.28 -2.50
CBC FLC H . -9.89 -3.60 -1.16
CG FLC H . -10.92 -5.07 -2.96
CGC FLC H . -11.77 -5.47 -1.78
OA1 FLC H . -7.22 -2.62 -2.27
OA2 FLC H . -7.16 -3.08 -4.39
OB1 FLC H . -10.87 -2.85 -1.00
OB2 FLC H . -9.03 -3.81 -0.27
OG1 FLC H . -12.93 -5.06 -1.76
OG2 FLC H . -11.29 -6.15 -0.84
OHB FLC H . -8.63 -5.21 -2.35
O3P C5P I . -1.44 -7.84 11.27
P C5P I . -2.79 -8.48 11.23
O1P C5P I . -2.71 -9.97 11.29
O2P C5P I . -3.88 -8.01 10.26
O5' C5P I . -3.28 -8.21 12.72
C5' C5P I . -4.44 -8.93 13.21
C4' C5P I . -4.77 -8.56 14.64
O4' C5P I . -4.32 -9.60 15.49
C3' C5P I . -4.06 -7.33 15.13
O3' C5P I . -4.83 -6.90 16.21
C2' C5P I . -2.72 -7.85 15.58
O2' C5P I . -2.12 -7.02 16.55
C1' C5P I . -3.11 -9.18 16.16
N1 C5P I . -2.10 -10.23 16.05
C2 C5P I . -1.49 -10.73 17.21
N3 C5P I . -0.56 -11.72 17.11
C4 C5P I . -0.22 -12.26 15.93
C5 C5P I . -0.82 -11.80 14.78
C6 C5P I . -1.77 -10.78 14.87
O2 C5P I . -1.78 -10.25 18.33
N4 C5P I . 0.70 -13.25 15.88
CL CL J . -0.32 -5.76 14.81
C1 DAN K . 14.53 3.10 10.53
C2 DAN K . 15.88 3.54 10.05
C3 DAN K . 16.79 2.70 9.47
C4 DAN K . 18.09 3.20 8.83
C5 DAN K . 18.47 4.57 9.44
C6 DAN K . 17.29 5.53 9.52
C7 DAN K . 17.66 6.79 10.28
C8 DAN K . 16.45 7.63 10.57
C9 DAN K . 16.87 9.02 10.94
C10 DAN K . 20.50 5.87 9.13
C11 DAN K . 21.50 6.41 8.16
N5 DAN K . 19.47 5.20 8.62
O1A DAN K . 14.00 2.01 10.20
O1B DAN K . 13.90 3.90 11.27
O4 DAN K . 19.22 2.28 8.99
O6 DAN K . 16.15 4.97 10.16
O7 DAN K . 18.21 6.52 11.58
O8 DAN K . 15.63 7.61 9.41
O9 DAN K . 15.68 9.77 10.90
O10 DAN K . 20.65 6.06 10.31
O3P C5P L . 14.03 5.58 8.50
P C5P L . 14.02 4.31 7.67
O1P C5P L . 12.82 3.42 7.81
O2P C5P L . 15.34 3.61 7.64
O5' C5P L . 13.92 4.75 6.15
C5' C5P L . 14.86 5.70 5.65
C4' C5P L . 14.86 5.75 4.14
O4' C5P L . 15.90 4.93 3.66
C3' C5P L . 13.59 5.23 3.50
O3' C5P L . 13.45 5.89 2.27
C2' C5P L . 13.88 3.76 3.30
O2' C5P L . 13.13 3.25 2.23
C1' C5P L . 15.33 3.83 2.97
N1 C5P L . 16.10 2.66 3.35
C2 C5P L . 16.46 1.75 2.36
N3 C5P L . 17.19 0.65 2.66
C4 C5P L . 17.59 0.43 3.92
C5 C5P L . 17.24 1.33 4.93
C6 C5P L . 16.48 2.46 4.62
O2 C5P L . 16.10 1.93 1.19
N4 C5P L . 18.33 -0.67 4.18
CAC FLC M . 6.82 12.62 20.79
CA FLC M . 8.22 13.11 21.07
CB FLC M . 8.83 13.80 19.86
CBC FLC M . 8.04 15.05 19.53
CG FLC M . 10.31 14.08 20.15
CGC FLC M . 10.82 15.17 19.24
OA1 FLC M . 5.90 12.90 21.61
OA2 FLC M . 6.65 11.98 19.72
OB1 FLC M . 6.96 15.27 20.13
OB2 FLC M . 8.49 15.85 18.67
OG1 FLC M . 10.80 16.36 19.63
OG2 FLC M . 11.25 14.85 18.11
OHB FLC M . 8.78 12.91 18.74
CL CL N . 10.76 1.92 3.97
#